data_5EPV
#
_entry.id   5EPV
#
_cell.length_a   70.390
_cell.length_b   100.840
_cell.length_c   71.410
_cell.angle_alpha   90.00
_cell.angle_beta   102.75
_cell.angle_gamma   90.00
#
_symmetry.space_group_name_H-M   'P 1 21 1'
#
loop_
_entity.id
_entity.type
_entity.pdbx_description
1 polymer 'Blue-light-activated histidine kinase'
2 non-polymer 'PHOSPHOMETHYLPHOSPHONIC ACID ADENYLATE ESTER'
3 non-polymer 'MAGNESIUM ION'
#
_entity_poly.entity_id   1
_entity_poly.type   'polypeptide(L)'
_entity_poly.pdbx_seq_one_letter_code
;MASVQDVTERKKAEANKALVSREIAHRFKNSMAMVQSIANQTLRNTYDPEQANRLFSERLRALSQAHDMLLKENWAGATI
QQICATALAPFNSTFANRIHMSGPHLLVSDRVTVALSLAFYELATNAVKYGALSNEKGVINITWAIMEDKGEKKFHMRWA
ESRGPEVMQPARRGFGQRLLHSVLAEELKAKCDVEFAASGLLIDVLAPITPEVFPGMGHNVPEQRIAHHHHHH
;
_entity_poly.pdbx_strand_id   A,B,C,D
#
# COMPACT_ATOMS: atom_id res chain seq x y z
N ALA A 2 -31.66 -38.30 -12.66
CA ALA A 2 -30.86 -37.85 -13.82
C ALA A 2 -31.52 -36.65 -14.51
N SER A 3 -30.74 -35.74 -15.08
CA SER A 3 -31.37 -34.60 -15.76
C SER A 3 -30.56 -34.06 -16.93
N VAL A 4 -31.26 -33.57 -17.97
CA VAL A 4 -30.62 -32.92 -19.12
C VAL A 4 -31.17 -31.51 -19.24
N GLN A 5 -30.27 -30.51 -19.32
CA GLN A 5 -30.65 -29.10 -19.40
C GLN A 5 -29.91 -28.37 -20.47
N ASP A 6 -30.62 -27.69 -21.42
CA ASP A 6 -29.96 -26.79 -22.38
C ASP A 6 -29.69 -25.55 -21.52
N VAL A 7 -28.44 -25.13 -21.53
CA VAL A 7 -27.90 -24.11 -20.66
C VAL A 7 -27.27 -22.88 -21.43
N THR A 8 -27.41 -22.86 -22.75
CA THR A 8 -26.90 -21.82 -23.66
C THR A 8 -27.18 -20.37 -23.26
N GLU A 9 -28.46 -20.09 -22.90
CA GLU A 9 -28.94 -18.76 -22.50
C GLU A 9 -28.46 -18.36 -21.11
N ARG A 10 -28.68 -19.23 -20.10
CA ARG A 10 -28.24 -18.96 -18.73
C ARG A 10 -26.73 -18.65 -18.67
N LYS A 11 -25.95 -19.35 -19.50
CA LYS A 11 -24.51 -19.20 -19.59
C LYS A 11 -24.04 -18.01 -20.37
N LYS A 12 -24.76 -17.60 -21.44
CA LYS A 12 -24.39 -16.42 -22.22
C LYS A 12 -24.59 -15.22 -21.29
N ALA A 13 -25.74 -15.21 -20.55
CA ALA A 13 -26.12 -14.19 -19.57
C ALA A 13 -25.13 -14.15 -18.38
N GLU A 14 -24.77 -15.33 -17.80
CA GLU A 14 -23.79 -15.38 -16.69
C GLU A 14 -22.40 -14.92 -17.15
N ALA A 15 -22.02 -15.17 -18.43
CA ALA A 15 -20.76 -14.70 -19.01
C ALA A 15 -20.76 -13.17 -19.17
N ASN A 16 -21.98 -12.58 -19.33
CA ASN A 16 -22.13 -11.13 -19.47
C ASN A 16 -22.00 -10.47 -18.10
N LYS A 17 -22.78 -10.92 -17.11
CA LYS A 17 -22.73 -10.45 -15.71
C LYS A 17 -21.31 -10.51 -15.15
N ALA A 18 -20.57 -11.61 -15.41
CA ALA A 18 -19.17 -11.81 -14.97
C ALA A 18 -18.16 -10.83 -15.62
N LEU A 19 -18.38 -10.47 -16.90
CA LEU A 19 -17.56 -9.58 -17.71
C LEU A 19 -17.72 -8.13 -17.18
N VAL A 20 -18.99 -7.72 -16.92
CA VAL A 20 -19.43 -6.46 -16.34
C VAL A 20 -18.83 -6.36 -14.91
N SER A 21 -18.86 -7.48 -14.14
CA SER A 21 -18.29 -7.58 -12.79
C SER A 21 -16.77 -7.31 -12.76
N ARG A 22 -16.00 -7.95 -13.67
CA ARG A 22 -14.55 -7.79 -13.77
C ARG A 22 -14.19 -6.33 -14.07
N GLU A 23 -14.98 -5.66 -14.91
CA GLU A 23 -14.78 -4.27 -15.27
C GLU A 23 -15.07 -3.34 -14.11
N ILE A 24 -16.17 -3.59 -13.34
CA ILE A 24 -16.57 -2.84 -12.14
C ILE A 24 -15.46 -2.97 -11.08
N ALA A 25 -15.02 -4.21 -10.80
CA ALA A 25 -13.96 -4.51 -9.86
C ALA A 25 -12.66 -3.77 -10.24
N HIS A 26 -12.28 -3.80 -11.52
CA HIS A 26 -11.12 -3.12 -12.04
C HIS A 26 -11.19 -1.59 -11.79
N ARG A 27 -12.32 -0.97 -12.19
CA ARG A 27 -12.59 0.45 -12.03
C ARG A 27 -12.67 0.92 -10.53
N PHE A 28 -13.18 0.06 -9.62
CA PHE A 28 -13.27 0.33 -8.17
C PHE A 28 -11.94 0.25 -7.53
N LYS A 29 -11.19 -0.83 -7.75
CA LYS A 29 -9.88 -1.02 -7.12
C LYS A 29 -8.98 0.17 -7.35
N ASN A 30 -8.92 0.68 -8.58
CA ASN A 30 -8.10 1.84 -8.92
C ASN A 30 -8.60 3.14 -8.28
N SER A 31 -9.92 3.38 -8.32
CA SER A 31 -10.50 4.59 -7.73
C SER A 31 -10.38 4.58 -6.22
N MET A 32 -10.73 3.45 -5.58
CA MET A 32 -10.66 3.27 -4.14
C MET A 32 -9.26 3.41 -3.63
N ALA A 33 -8.27 2.78 -4.30
CA ALA A 33 -6.88 2.88 -3.92
C ALA A 33 -6.46 4.35 -3.88
N MET A 34 -6.90 5.13 -4.88
CA MET A 34 -6.53 6.54 -4.95
C MET A 34 -7.20 7.36 -3.86
N VAL A 35 -8.46 7.05 -3.56
CA VAL A 35 -9.26 7.69 -2.51
C VAL A 35 -8.51 7.47 -1.19
N GLN A 36 -8.14 6.22 -0.90
CA GLN A 36 -7.32 5.82 0.26
C GLN A 36 -5.97 6.58 0.30
N SER A 37 -5.26 6.64 -0.84
CA SER A 37 -3.98 7.33 -0.97
C SER A 37 -4.12 8.79 -0.58
N ILE A 38 -5.13 9.51 -1.13
CA ILE A 38 -5.43 10.91 -0.79
C ILE A 38 -5.70 11.03 0.71
N ALA A 39 -6.53 10.12 1.29
CA ALA A 39 -6.82 10.12 2.73
C ALA A 39 -5.55 9.98 3.58
N ASN A 40 -4.73 8.94 3.31
CA ASN A 40 -3.48 8.69 4.05
C ASN A 40 -2.51 9.83 3.98
N GLN A 41 -2.36 10.41 2.81
CA GLN A 41 -1.45 11.50 2.50
C GLN A 41 -1.94 12.86 2.95
N THR A 42 -3.27 13.03 3.22
CA THR A 42 -3.85 14.33 3.67
C THR A 42 -4.26 14.38 5.17
N LEU A 43 -5.17 13.48 5.63
CA LEU A 43 -5.75 13.47 6.96
C LEU A 43 -4.77 12.93 7.99
N ARG A 44 -3.75 13.72 8.28
CA ARG A 44 -2.69 13.38 9.20
C ARG A 44 -2.50 14.54 10.16
N ASN A 45 -1.84 14.29 11.35
CA ASN A 45 -1.55 15.31 12.37
C ASN A 45 -0.77 16.40 11.70
N THR A 46 -1.31 17.60 11.77
CA THR A 46 -0.81 18.76 11.06
C THR A 46 -0.95 20.05 11.86
N TYR A 47 -0.06 20.99 11.52
CA TYR A 47 0.06 22.38 11.94
C TYR A 47 -1.31 23.04 11.71
N ASP A 48 -1.97 22.70 10.55
CA ASP A 48 -3.29 23.21 10.19
C ASP A 48 -4.34 22.10 9.85
N PRO A 49 -5.18 21.74 10.86
CA PRO A 49 -6.21 20.72 10.63
C PRO A 49 -7.35 21.14 9.67
N GLU A 50 -7.70 22.44 9.67
CA GLU A 50 -8.74 23.03 8.81
C GLU A 50 -8.31 22.92 7.36
N GLN A 51 -6.99 23.12 7.11
CA GLN A 51 -6.39 23.05 5.79
C GLN A 51 -6.41 21.63 5.27
N ALA A 52 -6.11 20.65 6.17
CA ALA A 52 -6.07 19.23 5.88
C ALA A 52 -7.46 18.73 5.48
N ASN A 53 -8.55 19.13 6.19
CA ASN A 53 -9.91 18.72 5.84
C ASN A 53 -10.32 19.25 4.46
N ARG A 54 -10.07 20.54 4.25
CA ARG A 54 -10.35 21.30 3.02
C ARG A 54 -9.63 20.66 1.83
N LEU A 55 -8.37 20.32 2.03
CA LEU A 55 -7.50 19.74 1.03
C LEU A 55 -7.99 18.36 0.67
N PHE A 56 -8.46 17.57 1.65
CA PHE A 56 -9.01 16.25 1.39
C PHE A 56 -10.23 16.32 0.47
N SER A 57 -11.19 17.23 0.74
CA SER A 57 -12.38 17.41 -0.12
C SER A 57 -12.00 17.82 -1.54
N GLU A 58 -11.11 18.80 -1.64
CA GLU A 58 -10.64 19.36 -2.90
C GLU A 58 -9.87 18.37 -3.71
N ARG A 59 -9.09 17.50 -3.06
CA ARG A 59 -8.36 16.44 -3.78
C ARG A 59 -9.30 15.37 -4.27
N LEU A 60 -10.30 15.06 -3.43
CA LEU A 60 -11.36 14.10 -3.73
C LEU A 60 -12.21 14.60 -4.88
N ARG A 61 -12.49 15.93 -4.91
CA ARG A 61 -13.25 16.55 -6.00
C ARG A 61 -12.50 16.53 -7.32
N ALA A 62 -11.18 16.81 -7.28
CA ALA A 62 -10.28 16.74 -8.43
C ALA A 62 -10.32 15.33 -9.02
N LEU A 63 -10.37 14.30 -8.16
CA LEU A 63 -10.46 12.91 -8.56
C LEU A 63 -11.85 12.63 -9.16
N SER A 64 -12.94 13.11 -8.51
CA SER A 64 -14.30 12.87 -9.02
C SER A 64 -14.52 13.51 -10.37
N GLN A 65 -13.93 14.71 -10.58
CA GLN A 65 -13.99 15.44 -11.85
C GLN A 65 -13.25 14.67 -12.96
N ALA A 66 -12.12 14.00 -12.61
CA ALA A 66 -11.38 13.17 -13.55
C ALA A 66 -12.20 11.91 -13.90
N HIS A 67 -13.02 11.41 -12.96
CA HIS A 67 -13.90 10.24 -13.17
C HIS A 67 -15.08 10.59 -14.05
N ASP A 68 -15.74 11.76 -13.79
CA ASP A 68 -16.85 12.27 -14.58
C ASP A 68 -16.48 12.37 -16.04
N MET A 69 -15.36 13.03 -16.36
CA MET A 69 -14.91 13.16 -17.75
C MET A 69 -14.58 11.83 -18.40
N LEU A 70 -14.10 10.86 -17.62
CA LEU A 70 -13.77 9.54 -18.16
C LEU A 70 -15.02 8.74 -18.47
N LEU A 71 -16.08 8.92 -17.65
CA LEU A 71 -17.38 8.27 -17.80
C LEU A 71 -18.10 8.74 -19.05
N LYS A 72 -17.87 9.99 -19.51
CA LYS A 72 -18.45 10.58 -20.73
C LYS A 72 -18.00 9.84 -22.02
N GLU A 73 -16.96 9.00 -21.90
CA GLU A 73 -16.45 8.04 -22.88
C GLU A 73 -16.47 6.72 -22.10
N ASN A 74 -16.14 5.57 -22.69
CA ASN A 74 -16.10 4.42 -21.79
C ASN A 74 -14.65 4.22 -21.41
N TRP A 75 -14.17 5.14 -20.54
CA TRP A 75 -12.82 5.18 -19.98
C TRP A 75 -11.76 5.18 -21.06
N ALA A 76 -12.11 5.73 -22.23
CA ALA A 76 -11.26 5.81 -23.41
C ALA A 76 -10.03 6.66 -23.11
N GLY A 77 -10.28 7.80 -22.47
CA GLY A 77 -9.27 8.76 -22.07
C GLY A 77 -9.85 10.15 -22.05
N ALA A 78 -8.98 11.14 -21.92
CA ALA A 78 -9.33 12.56 -21.89
C ALA A 78 -8.15 13.31 -22.42
N THR A 79 -8.37 14.52 -22.89
CA THR A 79 -7.31 15.34 -23.46
C THR A 79 -6.63 16.16 -22.37
N ILE A 80 -5.33 16.50 -22.57
CA ILE A 80 -4.56 17.38 -21.68
C ILE A 80 -5.34 18.68 -21.45
N GLN A 81 -5.89 19.29 -22.54
CA GLN A 81 -6.69 20.54 -22.49
C GLN A 81 -7.87 20.42 -21.50
N GLN A 82 -8.68 19.37 -21.64
CA GLN A 82 -9.84 19.09 -20.77
C GLN A 82 -9.40 18.83 -19.31
N ILE A 83 -8.34 18.02 -19.08
CA ILE A 83 -7.84 17.71 -17.74
C ILE A 83 -7.34 19.00 -17.08
N CYS A 84 -6.52 19.76 -17.84
CA CYS A 84 -5.92 20.98 -17.39
C CYS A 84 -6.95 22.03 -16.99
N ALA A 85 -7.85 22.38 -17.93
CA ALA A 85 -8.95 23.33 -17.73
C ALA A 85 -9.89 22.90 -16.59
N THR A 86 -10.21 21.59 -16.50
CA THR A 86 -11.09 21.07 -15.44
C THR A 86 -10.45 21.16 -14.06
N ALA A 87 -9.21 20.65 -13.92
CA ALA A 87 -8.46 20.65 -12.64
C ALA A 87 -8.15 22.09 -12.12
N LEU A 88 -7.88 23.03 -13.07
CA LEU A 88 -7.53 24.43 -12.78
C LEU A 88 -8.66 25.43 -12.74
N ALA A 89 -9.91 24.99 -13.06
CA ALA A 89 -11.12 25.83 -13.08
C ALA A 89 -11.33 26.58 -11.75
N PRO A 90 -11.25 25.94 -10.54
CA PRO A 90 -11.41 26.72 -9.29
C PRO A 90 -10.41 27.85 -9.13
N PHE A 91 -9.20 27.68 -9.69
CA PHE A 91 -8.12 28.67 -9.65
C PHE A 91 -8.29 29.79 -10.65
N ASN A 92 -8.90 29.51 -11.83
CA ASN A 92 -9.16 30.50 -12.89
C ASN A 92 -10.24 31.52 -12.44
N SER A 93 -11.15 31.10 -11.53
CA SER A 93 -12.19 31.94 -10.95
C SER A 93 -11.55 33.01 -10.06
N THR A 94 -10.74 32.56 -9.06
CA THR A 94 -10.04 33.39 -8.08
C THR A 94 -8.94 34.25 -8.70
N PHE A 95 -8.13 33.67 -9.63
CA PHE A 95 -6.99 34.33 -10.28
C PHE A 95 -7.18 34.35 -11.79
N ALA A 96 -8.07 35.24 -12.25
CA ALA A 96 -8.39 35.40 -13.67
C ALA A 96 -7.19 35.99 -14.42
N ASN A 97 -6.89 35.40 -15.59
CA ASN A 97 -5.79 35.80 -16.49
C ASN A 97 -4.38 35.63 -15.87
N ARG A 98 -4.22 34.69 -14.92
CA ARG A 98 -2.95 34.39 -14.25
C ARG A 98 -2.45 32.98 -14.53
N ILE A 99 -3.28 32.13 -15.15
CA ILE A 99 -2.96 30.75 -15.54
C ILE A 99 -3.14 30.65 -17.04
N HIS A 100 -2.07 30.24 -17.73
CA HIS A 100 -2.10 30.09 -19.18
C HIS A 100 -1.74 28.67 -19.58
N MET A 101 -2.55 28.07 -20.47
CA MET A 101 -2.43 26.69 -20.96
C MET A 101 -2.35 26.69 -22.46
N SER A 102 -1.39 25.93 -23.00
CA SER A 102 -1.18 25.87 -24.44
C SER A 102 -0.54 24.54 -24.79
N GLY A 103 -1.02 23.94 -25.88
CA GLY A 103 -0.47 22.69 -26.35
C GLY A 103 -1.37 22.00 -27.34
N PRO A 104 -0.81 21.03 -28.12
CA PRO A 104 -1.62 20.31 -29.13
C PRO A 104 -2.76 19.47 -28.55
N HIS A 105 -3.75 19.12 -29.39
CA HIS A 105 -4.86 18.24 -29.00
C HIS A 105 -4.23 16.89 -28.77
N LEU A 106 -4.35 16.39 -27.52
CA LEU A 106 -3.69 15.15 -27.13
C LEU A 106 -4.46 14.38 -26.11
N LEU A 107 -4.85 13.16 -26.48
CA LEU A 107 -5.63 12.26 -25.64
C LEU A 107 -4.68 11.41 -24.84
N VAL A 108 -4.99 11.25 -23.56
CA VAL A 108 -4.19 10.51 -22.60
C VAL A 108 -5.09 9.48 -21.89
N SER A 109 -4.53 8.32 -21.50
CA SER A 109 -5.28 7.20 -20.87
C SER A 109 -5.99 7.54 -19.54
N ASP A 110 -6.87 6.63 -19.09
CA ASP A 110 -7.65 6.68 -17.83
C ASP A 110 -6.78 7.00 -16.59
N ARG A 111 -5.60 6.34 -16.49
CA ARG A 111 -4.63 6.43 -15.40
C ARG A 111 -3.93 7.76 -15.41
N VAL A 112 -3.57 8.24 -16.63
CA VAL A 112 -2.89 9.50 -16.82
C VAL A 112 -3.87 10.64 -16.55
N THR A 113 -5.16 10.49 -16.94
CA THR A 113 -6.13 11.55 -16.63
C THR A 113 -6.27 11.74 -15.14
N VAL A 114 -6.30 10.65 -14.37
CA VAL A 114 -6.41 10.74 -12.91
C VAL A 114 -5.14 11.42 -12.33
N ALA A 115 -3.97 10.83 -12.60
CA ALA A 115 -2.64 11.32 -12.18
C ALA A 115 -2.44 12.79 -12.51
N LEU A 116 -2.71 13.18 -13.78
CA LEU A 116 -2.53 14.54 -14.27
C LEU A 116 -3.51 15.55 -13.68
N SER A 117 -4.76 15.14 -13.39
CA SER A 117 -5.81 15.95 -12.74
C SER A 117 -5.42 16.35 -11.32
N LEU A 118 -4.87 15.40 -10.55
CA LEU A 118 -4.40 15.63 -9.19
C LEU A 118 -3.11 16.39 -9.20
N ALA A 119 -2.20 16.09 -10.19
CA ALA A 119 -0.92 16.80 -10.31
C ALA A 119 -1.12 18.28 -10.53
N PHE A 120 -1.96 18.64 -11.53
CA PHE A 120 -2.31 20.02 -11.84
C PHE A 120 -2.97 20.73 -10.67
N TYR A 121 -3.89 20.05 -9.97
CA TYR A 121 -4.57 20.59 -8.81
C TYR A 121 -3.59 20.86 -7.64
N GLU A 122 -2.72 19.90 -7.38
CA GLU A 122 -1.72 19.96 -6.36
C GLU A 122 -0.67 21.05 -6.68
N LEU A 123 -0.30 21.22 -7.95
CA LEU A 123 0.68 22.24 -8.35
C LEU A 123 0.14 23.64 -8.19
N ALA A 124 -1.15 23.82 -8.51
CA ALA A 124 -1.83 25.11 -8.32
C ALA A 124 -2.00 25.41 -6.82
N THR A 125 -2.34 24.38 -6.00
CA THR A 125 -2.43 24.48 -4.53
C THR A 125 -1.09 24.97 -3.97
N ASN A 126 0.03 24.33 -4.39
CA ASN A 126 1.42 24.73 -4.05
C ASN A 126 1.77 26.13 -4.51
N ALA A 127 1.29 26.54 -5.69
CA ALA A 127 1.56 27.91 -6.20
C ALA A 127 0.84 28.94 -5.30
N VAL A 128 -0.38 28.62 -4.85
CA VAL A 128 -1.17 29.47 -3.95
C VAL A 128 -0.41 29.68 -2.63
N LYS A 129 0.10 28.60 -2.03
CA LYS A 129 0.81 28.66 -0.74
C LYS A 129 2.19 29.25 -0.84
N TYR A 130 2.95 28.87 -1.88
CA TYR A 130 4.35 29.28 -1.97
C TYR A 130 4.80 30.04 -3.19
N GLY A 131 4.18 29.79 -4.34
CA GLY A 131 4.65 30.36 -5.59
C GLY A 131 3.84 31.45 -6.21
N ALA A 132 3.74 31.39 -7.54
CA ALA A 132 3.12 32.39 -8.40
C ALA A 132 1.71 32.89 -8.00
N LEU A 133 0.93 32.12 -7.20
CA LEU A 133 -0.41 32.58 -6.80
C LEU A 133 -0.46 33.04 -5.34
N SER A 134 0.71 33.08 -4.69
CA SER A 134 0.79 33.57 -3.32
C SER A 134 0.83 35.11 -3.24
N ASN A 135 1.24 35.77 -4.34
CA ASN A 135 1.30 37.24 -4.46
C ASN A 135 0.22 37.70 -5.45
N GLU A 136 0.35 38.93 -6.00
CA GLU A 136 -0.63 39.51 -6.92
C GLU A 136 -0.20 39.54 -8.39
N LYS A 137 1.13 39.49 -8.65
CA LYS A 137 1.61 39.57 -10.03
C LYS A 137 2.06 38.26 -10.64
N GLY A 138 2.29 37.27 -9.78
CA GLY A 138 2.76 35.96 -10.20
C GLY A 138 1.85 35.29 -11.21
N VAL A 139 2.45 34.59 -12.16
CA VAL A 139 1.74 33.91 -13.24
C VAL A 139 2.26 32.46 -13.46
N ILE A 140 1.39 31.59 -14.00
CA ILE A 140 1.68 30.20 -14.34
C ILE A 140 1.51 30.00 -15.85
N ASN A 141 2.51 29.43 -16.49
CA ASN A 141 2.46 29.05 -17.89
C ASN A 141 2.65 27.54 -18.04
N ILE A 142 1.57 26.85 -18.39
CA ILE A 142 1.58 25.40 -18.63
C ILE A 142 1.63 25.22 -20.12
N THR A 143 2.61 24.49 -20.58
CA THR A 143 2.79 24.18 -21.99
C THR A 143 3.11 22.74 -22.14
N TRP A 144 2.50 22.11 -23.13
CA TRP A 144 2.77 20.73 -23.50
C TRP A 144 3.02 20.74 -24.97
N ALA A 145 3.74 19.74 -25.46
CA ALA A 145 4.09 19.65 -26.87
C ALA A 145 4.59 18.26 -27.23
N ILE A 146 4.61 17.97 -28.54
CA ILE A 146 5.19 16.74 -29.05
C ILE A 146 6.53 17.21 -29.65
N MET A 147 7.66 16.73 -29.11
CA MET A 147 9.01 17.10 -29.55
C MET A 147 9.91 15.87 -29.85
N GLU A 148 11.10 16.10 -30.46
CA GLU A 148 12.11 15.07 -30.75
C GLU A 148 13.31 15.21 -29.79
N ASP A 149 13.86 14.08 -29.28
CA ASP A 149 15.02 14.12 -28.36
C ASP A 149 16.17 13.17 -28.79
N LYS A 150 15.97 11.84 -28.63
CA LYS A 150 16.95 10.83 -29.02
C LYS A 150 16.51 10.19 -30.36
N GLY A 151 16.18 11.05 -31.33
CA GLY A 151 15.67 10.62 -32.64
C GLY A 151 14.24 10.10 -32.59
N GLU A 152 13.64 10.09 -31.38
CA GLU A 152 12.30 9.59 -31.04
C GLU A 152 11.32 10.75 -30.73
N LYS A 153 10.01 10.48 -30.87
CA LYS A 153 8.93 11.39 -30.55
C LYS A 153 8.56 11.22 -29.08
N LYS A 154 8.63 12.36 -28.38
CA LYS A 154 8.41 12.45 -26.94
C LYS A 154 7.46 13.56 -26.53
N PHE A 155 6.69 13.28 -25.47
CA PHE A 155 5.75 14.24 -24.93
C PHE A 155 6.50 15.09 -23.93
N HIS A 156 6.42 16.39 -24.09
CA HIS A 156 7.07 17.30 -23.16
C HIS A 156 6.03 18.21 -22.56
N MET A 157 6.11 18.37 -21.26
CA MET A 157 5.23 19.29 -20.57
C MET A 157 6.02 20.13 -19.58
N ARG A 158 5.82 21.43 -19.63
CA ARG A 158 6.43 22.36 -18.68
C ARG A 158 5.37 23.15 -17.91
N TRP A 159 5.56 23.20 -16.59
CA TRP A 159 4.78 24.00 -15.65
C TRP A 159 5.79 25.05 -15.21
N ALA A 160 5.55 26.30 -15.59
CA ALA A 160 6.48 27.37 -15.24
C ALA A 160 5.83 28.50 -14.47
N GLU A 161 6.41 28.82 -13.32
CA GLU A 161 5.96 29.91 -12.48
C GLU A 161 6.93 31.09 -12.69
N SER A 162 6.37 32.29 -12.82
CA SER A 162 7.13 33.52 -12.99
C SER A 162 6.44 34.65 -12.25
N ARG A 163 7.20 35.73 -11.94
CA ARG A 163 6.74 36.93 -11.25
C ARG A 163 6.25 36.65 -9.81
N GLY A 164 6.54 35.47 -9.30
CA GLY A 164 6.14 35.14 -7.95
C GLY A 164 7.21 35.51 -6.93
N PRO A 165 7.00 35.22 -5.63
CA PRO A 165 8.04 35.54 -4.62
C PRO A 165 9.29 34.68 -4.82
N GLU A 166 10.37 35.03 -4.11
CA GLU A 166 11.63 34.30 -4.21
C GLU A 166 11.44 32.84 -3.76
N VAL A 167 11.90 31.89 -4.58
CA VAL A 167 11.84 30.47 -4.31
C VAL A 167 13.09 30.00 -3.56
N MET A 168 12.85 29.46 -2.35
CA MET A 168 13.86 28.86 -1.49
C MET A 168 13.82 27.37 -1.80
N GLN A 169 14.88 26.65 -1.46
CA GLN A 169 14.93 25.21 -1.66
C GLN A 169 13.89 24.55 -0.69
N PRO A 170 13.21 23.46 -1.11
CA PRO A 170 12.22 22.84 -0.22
C PRO A 170 12.86 22.13 0.97
N ALA A 171 12.29 22.37 2.16
CA ALA A 171 12.79 21.73 3.37
C ALA A 171 11.97 20.44 3.58
N ARG A 172 10.62 20.53 3.44
CA ARG A 172 9.72 19.39 3.57
C ARG A 172 9.32 18.78 2.19
N ARG A 173 8.81 17.54 2.22
CA ARG A 173 8.35 16.79 1.06
C ARG A 173 6.94 16.25 1.42
N GLY A 174 5.94 16.63 0.62
CA GLY A 174 4.58 16.20 0.88
C GLY A 174 3.92 15.50 -0.29
N PHE A 175 2.60 15.57 -0.29
CA PHE A 175 1.74 14.99 -1.30
C PHE A 175 2.11 15.46 -2.71
N GLY A 176 2.44 16.74 -2.84
CA GLY A 176 2.88 17.36 -4.09
C GLY A 176 4.04 16.62 -4.69
N GLN A 177 5.18 16.60 -3.98
CA GLN A 177 6.41 15.90 -4.42
C GLN A 177 6.19 14.42 -4.69
N ARG A 178 5.49 13.72 -3.78
CA ARG A 178 5.15 12.30 -3.94
C ARG A 178 4.27 12.02 -5.15
N LEU A 179 3.20 12.78 -5.29
CA LEU A 179 2.27 12.64 -6.42
C LEU A 179 3.01 12.81 -7.74
N LEU A 180 3.90 13.82 -7.84
CA LEU A 180 4.68 14.13 -9.05
C LEU A 180 5.55 13.01 -9.52
N HIS A 181 6.39 12.45 -8.60
CA HIS A 181 7.35 11.37 -8.88
C HIS A 181 6.76 9.97 -8.82
N SER A 182 6.09 9.63 -7.72
CA SER A 182 5.49 8.30 -7.51
C SER A 182 4.26 8.00 -8.34
N VAL A 183 3.50 9.03 -8.79
CA VAL A 183 2.30 8.75 -9.58
C VAL A 183 2.28 9.36 -11.00
N LEU A 184 2.47 10.67 -11.17
CA LEU A 184 2.53 11.27 -12.51
C LEU A 184 3.67 10.72 -13.42
N ALA A 185 4.94 10.76 -12.94
CA ALA A 185 6.09 10.26 -13.70
C ALA A 185 5.93 8.77 -13.99
N GLU A 186 5.46 8.02 -12.99
CA GLU A 186 5.20 6.59 -13.08
C GLU A 186 4.26 6.23 -14.20
N GLU A 187 3.07 6.83 -14.19
CA GLU A 187 2.03 6.61 -15.18
C GLU A 187 2.46 7.03 -16.59
N LEU A 188 3.25 8.09 -16.68
CA LEU A 188 3.75 8.58 -17.97
C LEU A 188 5.03 7.88 -18.40
N LYS A 189 5.72 7.15 -17.46
CA LYS A 189 7.02 6.48 -17.66
C LYS A 189 8.01 7.58 -18.08
N ALA A 190 7.94 8.70 -17.35
CA ALA A 190 8.64 9.95 -17.63
C ALA A 190 9.75 10.32 -16.71
N LYS A 191 10.67 11.13 -17.24
CA LYS A 191 11.74 11.73 -16.47
C LYS A 191 11.14 13.07 -16.07
N CYS A 192 11.01 13.26 -14.77
CA CYS A 192 10.44 14.49 -14.25
C CYS A 192 11.49 15.30 -13.50
N ASP A 193 11.73 16.52 -13.98
CA ASP A 193 12.70 17.44 -13.44
C ASP A 193 12.00 18.59 -12.75
N VAL A 194 12.29 18.76 -11.47
CA VAL A 194 11.71 19.82 -10.68
C VAL A 194 12.84 20.76 -10.29
N GLU A 195 12.74 22.02 -10.73
CA GLU A 195 13.74 23.03 -10.42
C GLU A 195 13.14 24.18 -9.60
N PHE A 196 13.62 24.33 -8.37
CA PHE A 196 13.18 25.38 -7.47
C PHE A 196 14.02 26.63 -7.72
N ALA A 197 14.02 27.13 -8.98
CA ALA A 197 14.75 28.35 -9.37
C ALA A 197 14.16 29.53 -8.60
N ALA A 198 15.03 30.41 -8.06
CA ALA A 198 14.62 31.58 -7.28
C ALA A 198 13.51 32.42 -7.95
N SER A 199 13.55 32.49 -9.31
CA SER A 199 12.61 33.21 -10.19
C SER A 199 11.24 32.53 -10.30
N GLY A 200 11.16 31.26 -9.92
CA GLY A 200 9.93 30.50 -9.97
C GLY A 200 10.15 29.04 -10.27
N LEU A 201 9.30 28.20 -9.65
CA LEU A 201 9.31 26.76 -9.84
C LEU A 201 9.11 26.43 -11.31
N LEU A 202 9.96 25.53 -11.82
CA LEU A 202 9.97 25.03 -13.18
C LEU A 202 9.89 23.52 -13.09
N ILE A 203 8.85 22.91 -13.68
CA ILE A 203 8.71 21.45 -13.72
C ILE A 203 8.76 21.05 -15.16
N ASP A 204 9.59 20.06 -15.47
CA ASP A 204 9.71 19.54 -16.83
C ASP A 204 9.43 18.06 -16.83
N VAL A 205 8.51 17.65 -17.71
CA VAL A 205 8.15 16.24 -17.85
C VAL A 205 8.44 15.82 -19.28
N LEU A 206 9.25 14.76 -19.45
CA LEU A 206 9.63 14.23 -20.74
C LEU A 206 9.30 12.75 -20.77
N ALA A 207 8.29 12.39 -21.55
CA ALA A 207 7.83 11.01 -21.62
C ALA A 207 7.84 10.43 -23.05
N PRO A 208 8.19 9.13 -23.21
CA PRO A 208 8.08 8.51 -24.55
C PRO A 208 6.62 8.33 -24.94
N ILE A 209 6.30 8.38 -26.24
CA ILE A 209 4.92 8.20 -26.68
C ILE A 209 4.61 6.73 -27.00
N THR A 210 3.72 6.12 -26.21
CA THR A 210 3.23 4.75 -26.38
C THR A 210 1.67 4.75 -26.42
N PRO A 211 1.00 3.86 -27.19
CA PRO A 211 -0.48 3.87 -27.22
C PRO A 211 -1.19 3.56 -25.90
N GLU A 212 -0.49 2.88 -24.96
CA GLU A 212 -1.01 2.55 -23.63
C GLU A 212 -1.30 3.85 -22.87
N VAL A 213 -0.33 4.78 -22.88
CA VAL A 213 -0.35 6.09 -22.24
C VAL A 213 -1.09 7.14 -23.09
N PHE A 214 -0.89 7.09 -24.43
CA PHE A 214 -1.50 8.02 -25.40
C PHE A 214 -2.40 7.24 -26.38
N PRO A 215 -3.72 7.04 -26.06
CA PRO A 215 -4.59 6.22 -26.94
C PRO A 215 -4.80 6.80 -28.34
N GLY A 216 -4.21 6.10 -29.31
CA GLY A 216 -4.12 6.50 -30.70
C GLY A 216 -2.64 6.59 -30.99
N MET A 217 -1.97 7.53 -30.26
CA MET A 217 -0.54 7.88 -30.11
C MET A 217 -0.28 9.37 -29.96
N ASN B 16 -22.80 -3.93 -28.02
CA ASN B 16 -22.54 -4.80 -26.86
C ASN B 16 -21.65 -4.07 -25.84
N LYS B 17 -20.51 -3.51 -26.32
CA LYS B 17 -19.57 -2.74 -25.51
C LYS B 17 -20.26 -1.56 -24.83
N ALA B 18 -21.19 -0.87 -25.56
CA ALA B 18 -21.99 0.26 -25.05
C ALA B 18 -22.99 -0.14 -23.94
N LEU B 19 -23.57 -1.35 -24.03
CA LEU B 19 -24.54 -1.90 -23.08
C LEU B 19 -23.83 -2.24 -21.75
N VAL B 20 -22.64 -2.88 -21.87
CA VAL B 20 -21.73 -3.24 -20.79
C VAL B 20 -21.26 -1.94 -20.08
N SER B 21 -20.92 -0.90 -20.89
CA SER B 21 -20.50 0.43 -20.43
C SER B 21 -21.56 1.12 -19.57
N ARG B 22 -22.85 1.12 -20.01
CA ARG B 22 -23.97 1.74 -19.30
C ARG B 22 -24.17 1.10 -17.94
N GLU B 23 -24.01 -0.24 -17.86
CA GLU B 23 -24.14 -1.01 -16.62
C GLU B 23 -23.03 -0.65 -15.64
N ILE B 24 -21.77 -0.56 -16.13
CA ILE B 24 -20.57 -0.21 -15.36
C ILE B 24 -20.73 1.21 -14.80
N ALA B 25 -21.04 2.20 -15.68
CA ALA B 25 -21.25 3.61 -15.35
C ALA B 25 -22.27 3.75 -14.25
N HIS B 26 -23.39 3.04 -14.37
CA HIS B 26 -24.47 3.08 -13.40
C HIS B 26 -24.01 2.70 -12.00
N ARG B 27 -23.31 1.57 -11.89
CA ARG B 27 -22.81 1.03 -10.61
C ARG B 27 -21.67 1.82 -10.00
N PHE B 28 -20.73 2.31 -10.82
CA PHE B 28 -19.56 3.13 -10.44
C PHE B 28 -19.96 4.51 -9.90
N LYS B 29 -20.97 5.13 -10.52
CA LYS B 29 -21.53 6.41 -10.08
C LYS B 29 -22.19 6.27 -8.68
N ASN B 30 -22.84 5.14 -8.41
CA ASN B 30 -23.50 4.93 -7.13
C ASN B 30 -22.49 4.77 -6.02
N SER B 31 -21.40 4.01 -6.25
CA SER B 31 -20.38 3.82 -5.22
C SER B 31 -19.60 5.11 -5.01
N MET B 32 -19.28 5.85 -6.07
CA MET B 32 -18.56 7.12 -5.97
C MET B 32 -19.37 8.19 -5.25
N ALA B 33 -20.69 8.27 -5.53
CA ALA B 33 -21.58 9.19 -4.79
C ALA B 33 -21.55 8.84 -3.30
N MET B 34 -21.46 7.54 -2.96
CA MET B 34 -21.38 7.10 -1.57
C MET B 34 -20.00 7.45 -0.99
N VAL B 35 -18.91 7.32 -1.80
CA VAL B 35 -17.56 7.70 -1.37
C VAL B 35 -17.59 9.20 -0.98
N GLN B 36 -18.19 10.06 -1.83
CA GLN B 36 -18.37 11.50 -1.57
C GLN B 36 -19.17 11.71 -0.30
N SER B 37 -20.31 11.00 -0.16
CA SER B 37 -21.16 11.07 1.02
C SER B 37 -20.38 10.74 2.27
N ILE B 38 -19.61 9.63 2.29
CA ILE B 38 -18.76 9.23 3.44
C ILE B 38 -17.72 10.33 3.72
N ALA B 39 -17.05 10.86 2.67
CA ALA B 39 -16.06 11.95 2.83
C ALA B 39 -16.69 13.22 3.46
N ASN B 40 -17.80 13.73 2.89
CA ASN B 40 -18.46 14.91 3.42
C ASN B 40 -18.91 14.74 4.84
N GLN B 41 -19.58 13.61 5.11
CA GLN B 41 -20.18 13.24 6.39
C GLN B 41 -19.17 12.88 7.46
N THR B 42 -17.92 12.56 7.07
CA THR B 42 -16.89 12.18 8.04
C THR B 42 -16.12 13.41 8.49
N LEU B 43 -15.58 14.22 7.55
CA LEU B 43 -14.80 15.40 7.94
C LEU B 43 -15.62 16.62 7.99
N ARG B 44 -15.79 17.13 9.23
CA ARG B 44 -16.56 18.32 9.56
C ARG B 44 -16.21 18.82 10.98
N ASP B 48 -10.06 17.15 14.14
CA ASP B 48 -9.11 16.03 14.24
C ASP B 48 -9.00 15.22 12.93
N PRO B 49 -7.94 15.48 12.12
CA PRO B 49 -7.77 14.76 10.84
C PRO B 49 -7.46 13.27 10.96
N GLU B 50 -6.74 12.87 12.03
CA GLU B 50 -6.37 11.48 12.33
C GLU B 50 -7.62 10.63 12.62
N GLN B 51 -8.59 11.17 13.39
CA GLN B 51 -9.85 10.47 13.71
C GLN B 51 -10.76 10.40 12.46
N ALA B 52 -10.74 11.46 11.63
CA ALA B 52 -11.52 11.53 10.39
C ALA B 52 -11.00 10.48 9.45
N ASN B 53 -9.65 10.30 9.37
CA ASN B 53 -8.97 9.30 8.56
C ASN B 53 -9.43 7.91 8.96
N ARG B 54 -9.42 7.61 10.28
CA ARG B 54 -9.80 6.33 10.85
C ARG B 54 -11.24 5.97 10.46
N LEU B 55 -12.16 6.92 10.69
CA LEU B 55 -13.56 6.73 10.41
C LEU B 55 -13.83 6.55 8.91
N PHE B 56 -13.17 7.40 8.11
CA PHE B 56 -13.28 7.40 6.68
C PHE B 56 -12.77 6.09 6.13
N SER B 57 -11.59 5.57 6.61
CA SER B 57 -11.04 4.29 6.14
C SER B 57 -11.97 3.13 6.45
N GLU B 58 -12.50 3.09 7.67
CA GLU B 58 -13.39 2.03 8.17
C GLU B 58 -14.70 2.01 7.39
N ARG B 59 -15.22 3.20 7.05
CA ARG B 59 -16.44 3.28 6.24
C ARG B 59 -16.18 2.90 4.79
N LEU B 60 -15.00 3.29 4.28
CA LEU B 60 -14.51 2.95 2.94
C LEU B 60 -14.30 1.42 2.83
N ARG B 61 -13.75 0.78 3.91
CA ARG B 61 -13.53 -0.67 3.98
C ARG B 61 -14.85 -1.43 3.97
N ALA B 62 -15.85 -0.95 4.72
CA ALA B 62 -17.19 -1.51 4.77
C ALA B 62 -17.79 -1.51 3.35
N LEU B 63 -17.55 -0.42 2.60
CA LEU B 63 -18.02 -0.27 1.22
C LEU B 63 -17.25 -1.23 0.30
N SER B 64 -15.90 -1.31 0.43
CA SER B 64 -15.07 -2.20 -0.37
C SER B 64 -15.42 -3.67 -0.16
N GLN B 65 -15.74 -4.06 1.10
CA GLN B 65 -16.17 -5.41 1.46
C GLN B 65 -17.50 -5.74 0.79
N ALA B 66 -18.40 -4.77 0.66
CA ALA B 66 -19.69 -4.97 0.01
C ALA B 66 -19.46 -5.17 -1.50
N HIS B 67 -18.40 -4.57 -2.07
CA HIS B 67 -18.03 -4.70 -3.49
C HIS B 67 -17.46 -6.08 -3.80
N ASP B 68 -16.60 -6.60 -2.90
CA ASP B 68 -15.93 -7.90 -2.95
C ASP B 68 -16.94 -9.03 -2.86
N MET B 69 -17.93 -8.90 -1.95
CA MET B 69 -18.94 -9.93 -1.82
C MET B 69 -19.89 -9.93 -3.02
N LEU B 70 -20.09 -8.75 -3.63
CA LEU B 70 -20.92 -8.61 -4.82
C LEU B 70 -20.20 -9.20 -6.04
N LEU B 71 -18.85 -9.09 -6.09
CA LEU B 71 -18.02 -9.63 -7.18
C LEU B 71 -18.10 -11.16 -7.25
N LYS B 72 -18.02 -11.82 -6.08
CA LYS B 72 -18.13 -13.26 -5.90
C LYS B 72 -19.55 -13.77 -6.28
N GLU B 73 -20.56 -12.90 -6.26
CA GLU B 73 -21.95 -13.21 -6.64
C GLU B 73 -22.30 -12.57 -8.00
N ASN B 74 -21.25 -12.22 -8.79
CA ASN B 74 -21.34 -11.53 -10.09
C ASN B 74 -22.35 -10.38 -10.11
N TRP B 75 -22.38 -9.59 -9.03
CA TRP B 75 -23.24 -8.44 -8.79
C TRP B 75 -24.76 -8.68 -8.70
N ALA B 76 -25.21 -9.95 -8.61
CA ALA B 76 -26.63 -10.31 -8.51
C ALA B 76 -27.25 -9.75 -7.21
N GLY B 77 -26.44 -9.76 -6.16
CA GLY B 77 -26.81 -9.32 -4.84
C GLY B 77 -26.11 -10.15 -3.79
N ALA B 78 -26.54 -10.03 -2.55
CA ALA B 78 -25.99 -10.77 -1.42
C ALA B 78 -27.07 -11.06 -0.41
N THR B 79 -26.79 -12.03 0.48
CA THR B 79 -27.76 -12.43 1.48
C THR B 79 -27.59 -11.54 2.71
N ILE B 80 -28.68 -11.32 3.45
CA ILE B 80 -28.64 -10.57 4.70
C ILE B 80 -27.57 -11.21 5.62
N GLN B 81 -27.58 -12.57 5.76
CA GLN B 81 -26.62 -13.33 6.57
C GLN B 81 -25.17 -12.96 6.25
N GLN B 82 -24.80 -13.02 4.94
CA GLN B 82 -23.45 -12.69 4.48
C GLN B 82 -23.11 -11.21 4.66
N ILE B 83 -24.08 -10.29 4.37
CA ILE B 83 -23.94 -8.83 4.60
C ILE B 83 -23.71 -8.58 6.09
N CYS B 84 -24.51 -9.24 6.95
CA CYS B 84 -24.45 -9.10 8.40
C CYS B 84 -23.15 -9.59 9.04
N ALA B 85 -22.80 -10.84 8.77
CA ALA B 85 -21.58 -11.48 9.24
C ALA B 85 -20.32 -10.76 8.73
N THR B 86 -20.29 -10.34 7.46
CA THR B 86 -19.12 -9.64 6.90
C THR B 86 -18.90 -8.26 7.53
N ALA B 87 -19.95 -7.45 7.66
CA ALA B 87 -19.85 -6.10 8.19
C ALA B 87 -19.54 -6.08 9.68
N LEU B 88 -20.02 -7.10 10.40
CA LEU B 88 -19.87 -7.19 11.84
C LEU B 88 -18.71 -8.02 12.32
N ALA B 89 -17.96 -8.63 11.36
CA ALA B 89 -16.79 -9.49 11.64
C ALA B 89 -15.73 -8.78 12.52
N PRO B 90 -15.29 -7.52 12.22
CA PRO B 90 -14.32 -6.86 13.13
C PRO B 90 -14.79 -6.73 14.58
N PHE B 91 -16.13 -6.58 14.77
CA PHE B 91 -16.77 -6.46 16.08
C PHE B 91 -16.90 -7.79 16.81
N ASN B 92 -17.07 -8.91 16.07
CA ASN B 92 -17.20 -10.26 16.65
C ASN B 92 -15.87 -10.72 17.26
N SER B 93 -14.74 -10.20 16.74
CA SER B 93 -13.40 -10.49 17.23
C SER B 93 -13.21 -9.86 18.64
N THR B 94 -13.47 -8.53 18.74
CA THR B 94 -13.36 -7.73 19.96
C THR B 94 -14.42 -8.08 21.02
N PHE B 95 -15.67 -8.32 20.61
CA PHE B 95 -16.79 -8.62 21.49
C PHE B 95 -17.41 -9.96 21.10
N ALA B 96 -16.70 -11.05 21.49
CA ALA B 96 -17.11 -12.42 21.23
C ALA B 96 -18.37 -12.77 21.99
N ASN B 97 -19.34 -13.41 21.29
CA ASN B 97 -20.65 -13.85 21.79
C ASN B 97 -21.53 -12.71 22.35
N ARG B 98 -21.40 -11.50 21.78
CA ARG B 98 -22.17 -10.32 22.17
C ARG B 98 -23.07 -9.78 21.05
N ILE B 99 -22.91 -10.34 19.83
CA ILE B 99 -23.69 -10.02 18.65
C ILE B 99 -24.38 -11.31 18.16
N HIS B 100 -25.69 -11.29 18.09
CA HIS B 100 -26.47 -12.46 17.67
C HIS B 100 -27.31 -12.13 16.44
N MET B 101 -27.26 -13.00 15.42
CA MET B 101 -27.97 -12.82 14.15
C MET B 101 -28.84 -14.00 13.87
N SER B 102 -30.05 -13.75 13.35
CA SER B 102 -30.98 -14.84 13.05
C SER B 102 -31.97 -14.40 12.01
N GLY B 103 -32.25 -15.28 11.07
CA GLY B 103 -33.24 -15.06 10.03
C GLY B 103 -33.09 -15.99 8.85
N PRO B 104 -34.12 -16.05 7.99
CA PRO B 104 -34.06 -16.93 6.80
C PRO B 104 -33.03 -16.54 5.75
N HIS B 105 -32.68 -17.51 4.86
CA HIS B 105 -31.78 -17.27 3.72
C HIS B 105 -32.54 -16.35 2.80
N LEU B 106 -31.95 -15.17 2.53
CA LEU B 106 -32.60 -14.13 1.75
C LEU B 106 -31.61 -13.28 1.00
N LEU B 107 -31.75 -13.26 -0.33
CA LEU B 107 -30.90 -12.50 -1.22
C LEU B 107 -31.48 -11.11 -1.44
N VAL B 108 -30.61 -10.13 -1.40
CA VAL B 108 -30.94 -8.73 -1.54
C VAL B 108 -30.08 -8.09 -2.63
N SER B 109 -30.59 -7.03 -3.27
CA SER B 109 -29.92 -6.33 -4.38
C SER B 109 -28.62 -5.66 -4.00
N ASP B 110 -27.76 -5.44 -5.01
CA ASP B 110 -26.47 -4.76 -4.98
C ASP B 110 -26.49 -3.43 -4.22
N ARG B 111 -27.57 -2.65 -4.37
CA ARG B 111 -27.79 -1.34 -3.74
C ARG B 111 -28.08 -1.56 -2.29
N VAL B 112 -28.87 -2.63 -1.98
CA VAL B 112 -29.23 -2.96 -0.62
C VAL B 112 -28.00 -3.53 0.08
N THR B 113 -27.17 -4.35 -0.65
CA THR B 113 -25.94 -4.86 -0.04
C THR B 113 -25.00 -3.74 0.43
N VAL B 114 -24.86 -2.68 -0.37
CA VAL B 114 -24.05 -1.52 -0.05
C VAL B 114 -24.64 -0.79 1.17
N ALA B 115 -25.88 -0.35 1.05
CA ALA B 115 -26.64 0.34 2.09
C ALA B 115 -26.64 -0.43 3.44
N LEU B 116 -26.91 -1.73 3.41
CA LEU B 116 -26.98 -2.58 4.58
C LEU B 116 -25.65 -2.83 5.24
N SER B 117 -24.58 -2.90 4.44
CA SER B 117 -23.20 -3.12 4.93
C SER B 117 -22.72 -1.95 5.77
N LEU B 118 -22.98 -0.73 5.29
CA LEU B 118 -22.63 0.52 5.96
C LEU B 118 -23.52 0.73 7.14
N ALA B 119 -24.84 0.41 7.02
CA ALA B 119 -25.81 0.53 8.12
C ALA B 119 -25.38 -0.32 9.30
N PHE B 120 -25.12 -1.62 9.08
CA PHE B 120 -24.67 -2.56 10.10
C PHE B 120 -23.37 -2.12 10.75
N TYR B 121 -22.41 -1.64 9.93
CA TYR B 121 -21.11 -1.16 10.42
C TYR B 121 -21.27 0.08 11.29
N GLU B 122 -22.07 1.03 10.83
CA GLU B 122 -22.37 2.25 11.51
C GLU B 122 -23.13 2.02 12.84
N LEU B 123 -24.07 1.04 12.85
CA LEU B 123 -24.85 0.70 14.03
C LEU B 123 -23.99 0.07 15.10
N ALA B 124 -23.05 -0.79 14.68
CA ALA B 124 -22.10 -1.44 15.59
C ALA B 124 -21.11 -0.42 16.14
N THR B 125 -20.67 0.53 15.31
CA THR B 125 -19.78 1.64 15.72
C THR B 125 -20.48 2.43 16.82
N ASN B 126 -21.77 2.82 16.59
CA ASN B 126 -22.65 3.50 17.56
C ASN B 126 -22.88 2.70 18.85
N ALA B 127 -22.96 1.36 18.75
CA ALA B 127 -23.17 0.48 19.91
C ALA B 127 -21.89 0.47 20.80
N VAL B 128 -20.69 0.50 20.18
CA VAL B 128 -19.40 0.59 20.89
C VAL B 128 -19.27 1.99 21.59
N LYS B 129 -19.74 3.08 20.97
CA LYS B 129 -19.64 4.41 21.56
C LYS B 129 -20.69 4.70 22.62
N TYR B 130 -21.96 4.30 22.36
CA TYR B 130 -23.07 4.67 23.24
C TYR B 130 -23.92 3.56 23.81
N GLY B 131 -24.05 2.45 23.09
CA GLY B 131 -24.96 1.39 23.49
C GLY B 131 -24.39 0.12 24.06
N ALA B 132 -25.03 -1.00 23.69
CA ALA B 132 -24.74 -2.35 24.16
C ALA B 132 -23.29 -2.80 24.13
N LEU B 133 -22.49 -2.20 23.23
CA LEU B 133 -21.09 -2.59 23.13
C LEU B 133 -20.12 -1.64 23.83
N SER B 134 -20.66 -0.61 24.57
CA SER B 134 -19.88 0.38 25.33
C SER B 134 -19.52 -0.12 26.73
N ASN B 135 -20.31 -1.07 27.29
CA ASN B 135 -20.08 -1.67 28.59
C ASN B 135 -19.61 -3.12 28.40
N GLU B 136 -19.72 -3.97 29.43
CA GLU B 136 -19.26 -5.36 29.35
C GLU B 136 -20.38 -6.41 29.24
N LYS B 137 -21.59 -6.06 29.71
CA LYS B 137 -22.76 -6.95 29.78
C LYS B 137 -23.80 -6.77 28.65
N GLY B 138 -23.70 -5.65 27.93
CA GLY B 138 -24.59 -5.33 26.81
C GLY B 138 -24.52 -6.30 25.66
N VAL B 139 -25.65 -6.52 24.98
CA VAL B 139 -25.75 -7.45 23.86
C VAL B 139 -26.60 -6.86 22.72
N ILE B 140 -26.32 -7.30 21.47
CA ILE B 140 -27.05 -6.91 20.25
C ILE B 140 -27.72 -8.18 19.68
N ASN B 141 -29.03 -8.07 19.39
CA ASN B 141 -29.79 -9.13 18.76
C ASN B 141 -30.37 -8.65 17.45
N ILE B 142 -29.94 -9.32 16.39
CA ILE B 142 -30.28 -9.01 15.01
C ILE B 142 -31.21 -10.05 14.51
N THR B 143 -32.34 -9.60 14.05
CA THR B 143 -33.35 -10.54 13.63
C THR B 143 -33.99 -10.07 12.33
N TRP B 144 -34.15 -10.98 11.36
CA TRP B 144 -34.83 -10.68 10.12
C TRP B 144 -35.85 -11.76 9.75
N ALA B 145 -36.93 -11.42 9.03
CA ALA B 145 -37.99 -12.40 8.67
C ALA B 145 -38.79 -12.05 7.41
N ILE B 146 -39.48 -13.08 6.87
CA ILE B 146 -40.46 -12.91 5.79
C ILE B 146 -41.82 -13.18 6.41
N MET B 147 -42.72 -12.21 6.33
CA MET B 147 -44.05 -12.35 6.91
C MET B 147 -45.16 -11.74 6.03
N GLU B 148 -46.42 -11.73 6.55
CA GLU B 148 -47.58 -11.20 5.83
C GLU B 148 -48.23 -10.07 6.60
N ASP B 149 -48.57 -8.98 5.87
CA ASP B 149 -49.23 -7.79 6.42
C ASP B 149 -50.57 -7.56 5.69
N GLU B 152 -49.79 -10.37 0.96
CA GLU B 152 -49.01 -9.14 1.21
C GLU B 152 -47.72 -9.46 2.02
N LYS B 153 -46.75 -10.12 1.35
CA LYS B 153 -45.46 -10.57 1.90
C LYS B 153 -44.54 -9.38 2.21
N LYS B 154 -43.97 -9.32 3.43
CA LYS B 154 -43.10 -8.23 3.89
C LYS B 154 -41.79 -8.73 4.52
N PHE B 155 -40.72 -7.91 4.42
CA PHE B 155 -39.42 -8.20 5.03
C PHE B 155 -39.34 -7.41 6.33
N HIS B 156 -39.08 -8.12 7.45
CA HIS B 156 -39.02 -7.53 8.79
C HIS B 156 -37.63 -7.71 9.39
N MET B 157 -36.94 -6.60 9.72
CA MET B 157 -35.63 -6.64 10.33
C MET B 157 -35.56 -5.83 11.60
N ARG B 158 -34.97 -6.43 12.65
CA ARG B 158 -34.80 -5.76 13.91
C ARG B 158 -33.37 -5.79 14.38
N TRP B 159 -32.94 -4.65 14.93
CA TRP B 159 -31.64 -4.46 15.57
C TRP B 159 -32.02 -4.06 17.00
N ALA B 160 -31.75 -4.91 17.96
CA ALA B 160 -32.12 -4.64 19.35
C ALA B 160 -30.93 -4.70 20.30
N GLU B 161 -30.77 -3.65 21.08
CA GLU B 161 -29.71 -3.55 22.08
C GLU B 161 -30.34 -3.73 23.46
N SER B 162 -29.71 -4.54 24.28
CA SER B 162 -30.16 -4.84 25.64
C SER B 162 -28.95 -4.95 26.57
N ARG B 163 -29.20 -4.81 27.90
CA ARG B 163 -28.18 -4.87 28.99
C ARG B 163 -27.08 -3.81 28.89
N GLY B 164 -27.30 -2.79 28.06
CA GLY B 164 -26.33 -1.71 27.89
C GLY B 164 -26.61 -0.55 28.83
N PRO B 165 -25.84 0.56 28.76
CA PRO B 165 -26.13 1.70 29.65
C PRO B 165 -27.48 2.36 29.32
N GLU B 166 -27.97 3.25 30.22
CA GLU B 166 -29.25 3.96 30.01
C GLU B 166 -29.19 4.82 28.74
N VAL B 167 -30.23 4.71 27.91
CA VAL B 167 -30.34 5.44 26.64
C VAL B 167 -31.08 6.75 26.85
N MET B 168 -30.34 7.84 26.66
CA MET B 168 -30.80 9.22 26.72
C MET B 168 -31.16 9.63 25.29
N GLN B 169 -31.97 10.69 25.13
CA GLN B 169 -32.38 11.20 23.82
C GLN B 169 -31.15 11.56 22.93
N PRO B 170 -31.20 11.16 21.63
CA PRO B 170 -30.04 11.38 20.75
C PRO B 170 -29.44 12.75 20.80
N ALA B 171 -28.11 12.78 20.90
CA ALA B 171 -27.26 13.97 20.95
C ALA B 171 -27.41 14.81 19.67
N ARG B 172 -27.51 14.15 18.49
CA ARG B 172 -27.61 14.78 17.17
C ARG B 172 -28.16 13.79 16.11
N ARG B 173 -28.06 14.19 14.84
CA ARG B 173 -28.45 13.44 13.65
C ARG B 173 -27.21 13.41 12.74
N GLY B 174 -26.35 12.42 12.96
CA GLY B 174 -25.10 12.25 12.23
C GLY B 174 -25.21 11.31 11.06
N PHE B 175 -24.07 10.68 10.70
CA PHE B 175 -23.94 9.72 9.61
C PHE B 175 -24.82 8.46 9.81
N GLY B 176 -24.80 7.94 11.03
CA GLY B 176 -25.61 6.79 11.42
C GLY B 176 -27.08 6.94 11.14
N GLN B 177 -27.71 7.91 11.78
CA GLN B 177 -29.14 8.22 11.61
C GLN B 177 -29.52 8.51 10.17
N ARG B 178 -28.75 9.37 9.48
CA ARG B 178 -29.00 9.74 8.09
C ARG B 178 -28.86 8.57 7.13
N LEU B 179 -27.81 7.74 7.32
CA LEU B 179 -27.57 6.55 6.49
C LEU B 179 -28.80 5.62 6.61
N LEU B 180 -29.28 5.38 7.84
CA LEU B 180 -30.45 4.54 8.14
C LEU B 180 -31.72 4.93 7.40
N HIS B 181 -32.14 6.18 7.58
CA HIS B 181 -33.35 6.74 6.98
C HIS B 181 -33.19 7.13 5.52
N SER B 182 -32.13 7.85 5.18
CA SER B 182 -31.91 8.34 3.81
C SER B 182 -31.37 7.31 2.84
N VAL B 183 -30.63 6.30 3.32
CA VAL B 183 -30.06 5.34 2.39
C VAL B 183 -30.75 4.00 2.52
N LEU B 184 -30.61 3.33 3.69
CA LEU B 184 -31.20 2.01 3.95
C LEU B 184 -32.71 1.92 3.71
N ALA B 185 -33.50 2.80 4.35
CA ALA B 185 -34.97 2.84 4.18
C ALA B 185 -35.36 3.12 2.74
N GLU B 186 -34.68 4.08 2.09
CA GLU B 186 -34.95 4.43 0.71
C GLU B 186 -34.75 3.25 -0.24
N GLU B 187 -33.57 2.61 -0.17
CA GLU B 187 -33.24 1.45 -1.01
C GLU B 187 -34.20 0.29 -0.77
N LEU B 188 -34.66 0.11 0.46
CA LEU B 188 -35.59 -0.95 0.79
C LEU B 188 -37.05 -0.54 0.56
N LYS B 189 -37.32 0.79 0.40
CA LYS B 189 -38.67 1.41 0.28
C LYS B 189 -39.45 0.99 1.57
N ALA B 190 -38.74 1.12 2.70
CA ALA B 190 -39.17 0.66 4.01
C ALA B 190 -39.56 1.72 5.00
N LYS B 191 -40.41 1.32 5.95
CA LYS B 191 -40.80 2.15 7.07
C LYS B 191 -39.79 1.76 8.14
N CYS B 192 -38.95 2.72 8.52
CA CYS B 192 -37.91 2.48 9.51
C CYS B 192 -38.21 3.23 10.76
N ASP B 193 -38.33 2.48 11.86
CA ASP B 193 -38.63 3.02 13.19
C ASP B 193 -37.42 2.88 14.08
N VAL B 194 -36.98 4.02 14.62
CA VAL B 194 -35.83 4.06 15.53
C VAL B 194 -36.33 4.51 16.90
N GLU B 195 -36.18 3.65 17.90
CA GLU B 195 -36.62 3.94 19.25
C GLU B 195 -35.45 3.93 20.23
N PHE B 196 -35.21 5.09 20.84
CA PHE B 196 -34.17 5.27 21.82
C PHE B 196 -34.72 4.94 23.22
N ALA B 197 -35.22 3.69 23.39
CA ALA B 197 -35.76 3.21 24.66
C ALA B 197 -34.63 3.15 25.69
N ALA B 198 -34.88 3.61 26.92
CA ALA B 198 -33.89 3.65 28.01
C ALA B 198 -33.14 2.34 28.21
N SER B 199 -33.84 1.21 27.98
CA SER B 199 -33.32 -0.16 28.06
C SER B 199 -32.33 -0.53 26.93
N GLY B 200 -32.40 0.21 25.82
CA GLY B 200 -31.54 -0.01 24.66
C GLY B 200 -32.20 0.37 23.37
N LEU B 201 -31.37 0.83 22.41
CA LEU B 201 -31.81 1.22 21.08
C LEU B 201 -32.48 0.03 20.36
N LEU B 202 -33.62 0.30 19.76
CA LEU B 202 -34.45 -0.63 19.01
C LEU B 202 -34.69 -0.05 17.65
N ILE B 203 -34.28 -0.77 16.58
CA ILE B 203 -34.52 -0.33 15.20
C ILE B 203 -35.39 -1.38 14.54
N ASP B 204 -36.45 -0.93 13.88
CA ASP B 204 -37.39 -1.82 13.20
C ASP B 204 -37.50 -1.40 11.74
N VAL B 205 -37.33 -2.35 10.82
CA VAL B 205 -37.43 -2.09 9.39
C VAL B 205 -38.48 -3.02 8.82
N LEU B 206 -39.49 -2.44 8.16
CA LEU B 206 -40.58 -3.19 7.53
C LEU B 206 -40.66 -2.77 6.07
N ALA B 207 -40.30 -3.67 5.16
CA ALA B 207 -40.27 -3.37 3.74
C ALA B 207 -41.13 -4.32 2.89
N PRO B 208 -41.82 -3.79 1.84
CA PRO B 208 -42.55 -4.69 0.92
C PRO B 208 -41.57 -5.50 0.08
N ILE B 209 -41.93 -6.72 -0.32
CA ILE B 209 -41.04 -7.55 -1.13
C ILE B 209 -41.29 -7.37 -2.64
N THR B 210 -40.30 -6.81 -3.34
CA THR B 210 -40.30 -6.59 -4.79
C THR B 210 -39.03 -7.25 -5.39
N PRO B 211 -39.06 -7.78 -6.63
CA PRO B 211 -37.85 -8.44 -7.20
C PRO B 211 -36.65 -7.51 -7.43
N GLU B 212 -36.89 -6.19 -7.53
CA GLU B 212 -35.85 -5.16 -7.72
C GLU B 212 -34.93 -5.18 -6.49
N VAL B 213 -35.55 -5.14 -5.29
CA VAL B 213 -34.91 -5.14 -3.96
C VAL B 213 -34.51 -6.56 -3.51
N PHE B 214 -35.37 -7.55 -3.78
CA PHE B 214 -35.15 -8.94 -3.41
C PHE B 214 -35.10 -9.83 -4.67
N PRO B 215 -33.91 -10.04 -5.28
CA PRO B 215 -33.86 -10.86 -6.51
C PRO B 215 -34.32 -12.31 -6.30
N GLY B 216 -35.54 -12.58 -6.77
CA GLY B 216 -36.25 -13.85 -6.63
C GLY B 216 -37.49 -13.70 -5.76
N MET B 217 -38.45 -12.83 -6.19
CA MET B 217 -39.72 -12.55 -5.51
C MET B 217 -40.95 -12.95 -6.33
N TYR C 47 29.56 -28.77 -9.21
CA TYR C 47 29.44 -27.37 -8.84
C TYR C 47 30.26 -26.45 -9.74
N ASP C 48 29.71 -25.23 -9.96
CA ASP C 48 30.26 -24.12 -10.74
C ASP C 48 29.92 -22.85 -9.93
N PRO C 49 30.94 -22.19 -9.33
CA PRO C 49 30.66 -20.98 -8.50
C PRO C 49 30.12 -19.77 -9.28
N GLU C 50 30.58 -19.59 -10.55
CA GLU C 50 30.15 -18.52 -11.44
C GLU C 50 28.66 -18.64 -11.78
N GLN C 51 28.16 -19.87 -12.00
CA GLN C 51 26.75 -20.12 -12.31
C GLN C 51 25.87 -19.92 -11.06
N ALA C 52 26.40 -20.30 -9.87
CA ALA C 52 25.71 -20.15 -8.60
C ALA C 52 25.46 -18.66 -8.27
N ASN C 53 26.49 -17.81 -8.47
CA ASN C 53 26.38 -16.38 -8.28
C ASN C 53 25.35 -15.79 -9.25
N ARG C 54 25.42 -16.17 -10.54
CA ARG C 54 24.51 -15.73 -11.61
C ARG C 54 23.04 -16.07 -11.29
N LEU C 55 22.78 -17.28 -10.76
CA LEU C 55 21.44 -17.71 -10.36
C LEU C 55 20.90 -16.85 -9.22
N PHE C 56 21.79 -16.58 -8.25
CA PHE C 56 21.44 -15.75 -7.11
C PHE C 56 21.07 -14.33 -7.56
N SER C 57 21.87 -13.68 -8.44
CA SER C 57 21.59 -12.33 -8.98
C SER C 57 20.26 -12.27 -9.72
N GLU C 58 20.01 -13.27 -10.57
CA GLU C 58 18.81 -13.37 -11.39
C GLU C 58 17.58 -13.52 -10.52
N ARG C 59 17.69 -14.30 -9.45
CA ARG C 59 16.59 -14.50 -8.51
C ARG C 59 16.37 -13.27 -7.64
N LEU C 60 17.47 -12.56 -7.29
CA LEU C 60 17.46 -11.31 -6.56
C LEU C 60 16.78 -10.21 -7.40
N ARG C 61 17.15 -10.08 -8.70
CA ARG C 61 16.57 -9.09 -9.63
C ARG C 61 15.08 -9.34 -9.79
N ALA C 62 14.64 -10.64 -9.92
CA ALA C 62 13.23 -11.05 -10.02
C ALA C 62 12.46 -10.62 -8.77
N LEU C 63 13.13 -10.67 -7.60
CA LEU C 63 12.55 -10.32 -6.31
C LEU C 63 12.41 -8.82 -6.22
N SER C 64 13.45 -8.07 -6.65
CA SER C 64 13.45 -6.60 -6.68
C SER C 64 12.33 -6.07 -7.57
N GLN C 65 12.09 -6.77 -8.72
CA GLN C 65 11.04 -6.42 -9.68
C GLN C 65 9.67 -6.56 -9.05
N ALA C 66 9.47 -7.63 -8.26
CA ALA C 66 8.23 -7.91 -7.52
C ALA C 66 8.01 -6.90 -6.40
N HIS C 67 9.11 -6.45 -5.78
CA HIS C 67 9.07 -5.50 -4.68
C HIS C 67 8.77 -4.09 -5.21
N ASP C 68 9.25 -3.78 -6.44
CA ASP C 68 8.98 -2.47 -7.03
C ASP C 68 7.51 -2.32 -7.43
N MET C 69 6.88 -3.40 -7.93
CA MET C 69 5.44 -3.49 -8.21
C MET C 69 4.70 -3.12 -6.93
N LEU C 70 5.10 -3.69 -5.76
CA LEU C 70 4.50 -3.36 -4.45
C LEU C 70 4.78 -1.92 -4.02
N LEU C 71 5.99 -1.43 -4.20
CA LEU C 71 6.37 -0.07 -3.84
C LEU C 71 5.60 1.02 -4.61
N LYS C 72 5.37 0.79 -5.94
CA LYS C 72 4.62 1.70 -6.81
C LYS C 72 3.15 1.76 -6.36
N GLU C 73 2.53 0.58 -6.16
CA GLU C 73 1.15 0.46 -5.69
C GLU C 73 0.94 1.29 -4.40
N ASN C 74 1.90 1.20 -3.44
CA ASN C 74 1.85 1.71 -2.07
C ASN C 74 2.50 3.03 -1.77
N TRP C 75 2.65 3.89 -2.77
CA TRP C 75 3.35 5.18 -2.71
C TRP C 75 2.91 6.14 -1.61
N ALA C 76 1.65 6.03 -1.16
CA ALA C 76 0.99 6.91 -0.18
C ALA C 76 1.16 6.45 1.25
N GLY C 77 1.60 5.21 1.38
CA GLY C 77 1.77 4.58 2.67
C GLY C 77 0.44 4.00 3.08
N ALA C 78 0.31 3.68 4.36
CA ALA C 78 -0.89 3.09 4.92
C ALA C 78 -0.75 3.00 6.43
N THR C 79 -1.88 2.78 7.11
CA THR C 79 -1.94 2.55 8.54
C THR C 79 -1.65 1.07 8.77
N ILE C 80 -1.11 0.73 9.97
CA ILE C 80 -0.89 -0.67 10.36
C ILE C 80 -2.20 -1.48 10.17
N GLN C 81 -3.35 -0.93 10.62
CA GLN C 81 -4.68 -1.56 10.49
C GLN C 81 -4.99 -1.96 9.04
N GLN C 82 -4.86 -1.00 8.09
CA GLN C 82 -5.07 -1.19 6.64
C GLN C 82 -4.07 -2.20 6.07
N ILE C 83 -2.77 -2.11 6.46
CA ILE C 83 -1.72 -3.05 6.00
C ILE C 83 -2.10 -4.45 6.43
N CYS C 84 -2.29 -4.59 7.74
CA CYS C 84 -2.60 -5.83 8.40
C CYS C 84 -3.82 -6.52 7.81
N ALA C 85 -4.99 -5.83 7.79
CA ALA C 85 -6.24 -6.30 7.20
C ALA C 85 -6.10 -6.65 5.71
N THR C 86 -5.40 -5.81 4.92
CA THR C 86 -5.20 -6.07 3.49
C THR C 86 -4.37 -7.31 3.21
N ALA C 87 -3.16 -7.44 3.85
CA ALA C 87 -2.28 -8.60 3.64
C ALA C 87 -2.93 -9.90 4.10
N LEU C 88 -3.53 -9.88 5.30
CA LEU C 88 -4.18 -11.02 5.93
C LEU C 88 -5.65 -11.28 5.55
N ALA C 89 -6.17 -10.59 4.53
CA ALA C 89 -7.53 -10.80 4.03
C ALA C 89 -7.70 -12.22 3.45
N PRO C 90 -6.80 -12.75 2.55
CA PRO C 90 -6.98 -14.13 2.05
C PRO C 90 -7.06 -15.19 3.16
N PHE C 91 -6.36 -14.96 4.28
CA PHE C 91 -6.32 -15.84 5.44
C PHE C 91 -7.57 -15.73 6.33
N ASN C 92 -8.18 -14.53 6.42
CA ASN C 92 -9.41 -14.29 7.21
C ASN C 92 -10.63 -15.00 6.60
N SER C 93 -10.60 -15.21 5.25
CA SER C 93 -11.64 -15.92 4.50
C SER C 93 -11.62 -17.41 4.93
N THR C 94 -10.44 -18.07 4.78
CA THR C 94 -10.19 -19.48 5.10
C THR C 94 -10.27 -19.80 6.61
N PHE C 95 -9.73 -18.90 7.48
CA PHE C 95 -9.65 -19.08 8.94
C PHE C 95 -10.38 -17.98 9.72
N ALA C 96 -11.71 -17.92 9.57
CA ALA C 96 -12.59 -16.92 10.18
C ALA C 96 -12.54 -16.92 11.70
N ASN C 97 -12.36 -15.72 12.29
CA ASN C 97 -12.24 -15.44 13.73
C ASN C 97 -11.04 -16.14 14.40
N ARG C 98 -9.94 -16.33 13.64
CA ARG C 98 -8.70 -16.96 14.13
C ARG C 98 -7.49 -16.02 14.08
N ILE C 99 -7.67 -14.84 13.45
CA ILE C 99 -6.66 -13.80 13.34
C ILE C 99 -7.23 -12.56 14.00
N HIS C 100 -6.55 -12.04 15.03
CA HIS C 100 -7.01 -10.87 15.76
C HIS C 100 -5.98 -9.76 15.67
N MET C 101 -6.44 -8.53 15.37
CA MET C 101 -5.57 -7.36 15.25
C MET C 101 -6.11 -6.25 16.14
N SER C 102 -5.21 -5.61 16.87
CA SER C 102 -5.55 -4.56 17.80
C SER C 102 -4.38 -3.62 17.95
N GLY C 103 -4.67 -2.33 17.94
CA GLY C 103 -3.65 -1.30 18.09
C GLY C 103 -4.15 0.07 17.67
N PRO C 104 -3.40 1.13 18.03
CA PRO C 104 -3.83 2.50 17.67
C PRO C 104 -3.76 2.79 16.17
N HIS C 105 -4.53 3.81 15.72
CA HIS C 105 -4.50 4.31 14.35
C HIS C 105 -3.11 4.95 14.22
N LEU C 106 -2.34 4.42 13.26
CA LEU C 106 -0.98 4.81 13.06
C LEU C 106 -0.58 4.66 11.61
N LEU C 107 -0.18 5.77 11.00
CA LEU C 107 0.24 5.87 9.63
C LEU C 107 1.73 5.60 9.52
N VAL C 108 2.09 4.81 8.52
CA VAL C 108 3.43 4.38 8.23
C VAL C 108 3.77 4.70 6.74
N SER C 109 5.08 4.84 6.40
CA SER C 109 5.51 5.15 5.03
C SER C 109 5.35 3.97 4.06
N ASP C 110 5.52 4.27 2.75
CA ASP C 110 5.46 3.37 1.61
C ASP C 110 6.37 2.16 1.74
N ARG C 111 7.63 2.38 2.15
CA ARG C 111 8.62 1.30 2.32
C ARG C 111 8.24 0.35 3.44
N VAL C 112 7.79 0.88 4.58
CA VAL C 112 7.35 0.08 5.73
C VAL C 112 6.03 -0.62 5.38
N THR C 113 5.14 0.05 4.62
CA THR C 113 3.90 -0.62 4.26
C THR C 113 4.18 -1.84 3.44
N VAL C 114 5.16 -1.76 2.51
CA VAL C 114 5.54 -2.89 1.67
C VAL C 114 6.20 -4.00 2.50
N ALA C 115 7.26 -3.66 3.27
CA ALA C 115 7.99 -4.56 4.16
C ALA C 115 7.07 -5.34 5.12
N LEU C 116 6.19 -4.61 5.79
CA LEU C 116 5.23 -5.13 6.75
C LEU C 116 4.18 -6.00 6.08
N SER C 117 3.83 -5.74 4.82
CA SER C 117 2.82 -6.51 4.10
C SER C 117 3.32 -7.88 3.81
N LEU C 118 4.52 -7.93 3.27
CA LEU C 118 5.18 -9.17 2.94
C LEU C 118 5.51 -9.95 4.20
N ALA C 119 5.90 -9.25 5.30
CA ALA C 119 6.18 -9.90 6.58
C ALA C 119 4.91 -10.60 7.11
N PHE C 120 3.79 -9.88 7.18
CA PHE C 120 2.48 -10.40 7.60
C PHE C 120 2.03 -11.56 6.71
N TYR C 121 2.19 -11.44 5.38
CA TYR C 121 1.82 -12.46 4.41
C TYR C 121 2.65 -13.74 4.61
N GLU C 122 3.95 -13.56 4.77
CA GLU C 122 4.93 -14.62 4.94
C GLU C 122 4.69 -15.35 6.27
N LEU C 123 4.36 -14.61 7.34
CA LEU C 123 4.11 -15.17 8.66
C LEU C 123 2.85 -15.99 8.70
N ALA C 124 1.80 -15.53 8.00
CA ALA C 124 0.53 -16.25 7.89
C ALA C 124 0.71 -17.51 7.04
N THR C 125 1.51 -17.44 5.95
CA THR C 125 1.86 -18.57 5.10
C THR C 125 2.46 -19.70 5.98
N ASN C 126 3.41 -19.36 6.87
CA ASN C 126 4.01 -20.33 7.77
C ASN C 126 3.07 -20.79 8.88
N ALA C 127 2.19 -19.90 9.37
CA ALA C 127 1.22 -20.22 10.43
C ALA C 127 0.30 -21.39 10.01
N VAL C 128 -0.06 -21.44 8.70
CA VAL C 128 -0.89 -22.46 8.06
C VAL C 128 -0.06 -23.74 7.85
N LYS C 129 1.23 -23.60 7.50
CA LYS C 129 2.09 -24.77 7.32
C LYS C 129 2.62 -25.38 8.62
N TYR C 130 3.03 -24.57 9.62
CA TYR C 130 3.61 -25.08 10.87
C TYR C 130 2.97 -24.69 12.20
N GLY C 131 2.40 -23.48 12.29
CA GLY C 131 1.90 -22.92 13.55
C GLY C 131 0.41 -22.90 13.80
N ALA C 132 -0.05 -21.82 14.46
CA ALA C 132 -1.43 -21.59 14.86
C ALA C 132 -2.54 -21.87 13.82
N LEU C 133 -2.25 -21.80 12.52
CA LEU C 133 -3.30 -22.09 11.55
C LEU C 133 -3.20 -23.49 10.93
N SER C 134 -2.22 -24.30 11.37
CA SER C 134 -2.02 -25.67 10.88
C SER C 134 -3.04 -26.64 11.52
N ASN C 135 -3.59 -26.28 12.70
CA ASN C 135 -4.60 -27.07 13.42
C ASN C 135 -5.94 -26.33 13.35
N GLU C 136 -6.92 -26.67 14.22
CA GLU C 136 -8.24 -26.04 14.19
C GLU C 136 -8.51 -25.05 15.33
N LYS C 137 -7.75 -25.16 16.45
CA LYS C 137 -7.93 -24.32 17.65
C LYS C 137 -6.90 -23.18 17.80
N GLY C 138 -5.82 -23.23 17.03
CA GLY C 138 -4.76 -22.23 17.04
C GLY C 138 -5.21 -20.84 16.60
N VAL C 139 -4.66 -19.81 17.25
CA VAL C 139 -5.03 -18.42 16.99
C VAL C 139 -3.78 -17.51 16.86
N ILE C 140 -3.90 -16.42 16.07
CA ILE C 140 -2.88 -15.40 15.87
C ILE C 140 -3.38 -14.08 16.46
N ASN C 141 -2.55 -13.43 17.30
CA ASN C 141 -2.85 -12.14 17.87
C ASN C 141 -1.78 -11.15 17.44
N ILE C 142 -2.16 -10.17 16.57
CA ILE C 142 -1.27 -9.11 16.11
C ILE C 142 -1.63 -7.90 16.91
N THR C 143 -0.68 -7.37 17.65
CA THR C 143 -0.92 -6.23 18.50
C THR C 143 0.18 -5.21 18.28
N TRP C 144 -0.20 -3.94 18.26
CA TRP C 144 0.79 -2.87 18.16
C TRP C 144 0.39 -1.74 19.11
N ALA C 145 1.32 -0.84 19.41
CA ALA C 145 1.07 0.28 20.32
C ALA C 145 2.22 1.28 20.29
N ILE C 146 1.97 2.50 20.85
CA ILE C 146 2.93 3.59 21.03
C ILE C 146 3.29 3.60 22.52
N MET C 147 4.58 3.31 22.78
CA MET C 147 5.25 3.16 24.07
C MET C 147 5.84 4.45 24.56
N GLU C 148 6.57 4.38 25.69
CA GLU C 148 7.27 5.49 26.32
C GLU C 148 8.39 4.97 27.20
N ASP C 149 9.63 5.41 26.94
CA ASP C 149 10.77 5.05 27.79
C ASP C 149 11.26 6.31 28.54
N LYS C 150 10.37 6.79 29.45
CA LYS C 150 10.51 7.98 30.32
C LYS C 150 10.71 9.34 29.57
N GLY C 151 10.39 9.33 28.27
CA GLY C 151 10.53 10.49 27.40
C GLY C 151 10.60 10.12 25.93
N GLU C 152 11.34 9.04 25.60
CA GLU C 152 11.49 8.53 24.22
C GLU C 152 10.27 7.68 23.82
N LYS C 153 9.53 8.14 22.79
CA LYS C 153 8.34 7.46 22.23
C LYS C 153 8.78 6.35 21.27
N LYS C 154 8.24 5.13 21.44
CA LYS C 154 8.60 3.96 20.64
C LYS C 154 7.38 3.20 20.10
N PHE C 155 7.54 2.57 18.92
CA PHE C 155 6.50 1.75 18.30
C PHE C 155 6.76 0.30 18.66
N HIS C 156 5.76 -0.38 19.18
CA HIS C 156 5.92 -1.79 19.51
C HIS C 156 4.90 -2.60 18.76
N MET C 157 5.33 -3.70 18.19
CA MET C 157 4.42 -4.60 17.51
C MET C 157 4.72 -6.04 17.86
N ARG C 158 3.66 -6.82 18.08
CA ARG C 158 3.77 -8.24 18.40
C ARG C 158 2.88 -9.12 17.51
N TRP C 159 3.49 -10.18 16.96
CA TRP C 159 2.83 -11.23 16.21
C TRP C 159 2.94 -12.39 17.20
N ALA C 160 1.80 -12.84 17.76
CA ALA C 160 1.74 -13.90 18.75
C ALA C 160 0.83 -15.05 18.34
N GLU C 161 1.42 -16.25 18.16
CA GLU C 161 0.70 -17.49 17.84
C GLU C 161 0.51 -18.30 19.13
N SER C 162 -0.74 -18.71 19.41
CA SER C 162 -1.13 -19.47 20.59
C SER C 162 -2.14 -20.57 20.26
N ARG C 163 -2.26 -21.58 21.16
CA ARG C 163 -3.16 -22.75 21.06
C ARG C 163 -2.91 -23.63 19.79
N GLY C 164 -1.74 -23.45 19.18
CA GLY C 164 -1.31 -24.21 18.01
C GLY C 164 -0.51 -25.43 18.39
N PRO C 165 0.01 -26.25 17.43
CA PRO C 165 0.82 -27.41 17.83
C PRO C 165 2.13 -27.00 18.52
N GLU C 166 2.82 -27.96 19.14
CA GLU C 166 4.09 -27.70 19.82
C GLU C 166 5.13 -27.25 18.82
N VAL C 167 5.91 -26.22 19.18
CA VAL C 167 6.95 -25.76 18.28
C VAL C 167 8.28 -26.43 18.63
N MET C 168 8.54 -27.52 17.89
CA MET C 168 9.67 -28.45 18.00
C MET C 168 11.05 -27.81 17.88
N GLN C 169 11.82 -27.97 18.96
CA GLN C 169 13.17 -27.47 19.23
C GLN C 169 14.04 -27.02 18.04
N PRO C 170 14.42 -27.87 17.04
CA PRO C 170 15.28 -27.39 15.93
C PRO C 170 14.62 -26.46 14.89
N ALA C 171 13.64 -25.63 15.31
CA ALA C 171 12.99 -24.67 14.42
C ALA C 171 13.95 -23.48 14.17
N ARG C 172 14.66 -23.51 13.03
CA ARG C 172 15.63 -22.49 12.64
C ARG C 172 15.34 -21.95 11.22
N ARG C 173 15.14 -20.61 11.15
CA ARG C 173 14.81 -19.81 9.95
C ARG C 173 15.78 -20.02 8.79
N GLY C 174 15.23 -20.06 7.57
CA GLY C 174 15.97 -20.14 6.32
C GLY C 174 16.30 -18.73 5.84
N PHE C 175 17.04 -18.61 4.73
CA PHE C 175 17.44 -17.31 4.17
C PHE C 175 16.31 -16.27 3.96
N GLY C 176 15.20 -16.71 3.36
CA GLY C 176 14.05 -15.88 3.04
C GLY C 176 13.45 -15.09 4.18
N GLN C 177 12.95 -15.80 5.20
CA GLN C 177 12.37 -15.21 6.41
C GLN C 177 13.40 -14.34 7.10
N ARG C 178 14.65 -14.82 7.20
CA ARG C 178 15.76 -14.07 7.79
C ARG C 178 15.87 -12.72 7.08
N LEU C 179 15.91 -12.78 5.74
CA LEU C 179 15.97 -11.63 4.84
C LEU C 179 14.75 -10.69 5.01
N LEU C 180 13.54 -11.24 4.97
CA LEU C 180 12.35 -10.42 5.18
C LEU C 180 12.40 -9.68 6.54
N HIS C 181 12.73 -10.42 7.64
CA HIS C 181 12.85 -9.85 8.99
C HIS C 181 13.86 -8.73 9.02
N SER C 182 15.00 -8.92 8.33
CA SER C 182 16.09 -7.95 8.23
C SER C 182 15.62 -6.70 7.48
N VAL C 183 14.89 -6.90 6.35
CA VAL C 183 14.37 -5.79 5.56
C VAL C 183 13.35 -4.99 6.39
N LEU C 184 12.38 -5.69 6.99
CA LEU C 184 11.38 -5.08 7.88
C LEU C 184 12.06 -4.21 8.97
N ALA C 185 12.98 -4.83 9.78
CA ALA C 185 13.71 -4.17 10.85
C ALA C 185 14.51 -2.97 10.32
N GLU C 186 15.18 -3.09 9.17
CA GLU C 186 15.94 -1.95 8.62
C GLU C 186 15.03 -0.79 8.20
N GLU C 187 13.90 -1.08 7.55
CA GLU C 187 12.93 -0.04 7.15
C GLU C 187 12.36 0.66 8.39
N LEU C 188 12.13 -0.08 9.48
CA LEU C 188 11.60 0.45 10.72
C LEU C 188 12.70 1.01 11.63
N LYS C 189 13.99 0.67 11.34
CA LYS C 189 15.17 1.02 12.16
C LYS C 189 14.92 0.42 13.57
N ALA C 190 14.42 -0.84 13.59
CA ALA C 190 13.94 -1.56 14.76
C ALA C 190 14.79 -2.70 15.27
N LYS C 191 14.61 -3.03 16.55
CA LYS C 191 15.18 -4.20 17.18
C LYS C 191 14.08 -5.24 17.05
N CYS C 192 14.36 -6.32 16.36
CA CYS C 192 13.39 -7.36 16.14
C CYS C 192 13.80 -8.66 16.84
N ASP C 193 12.89 -9.19 17.68
CA ASP C 193 13.09 -10.43 18.44
C ASP C 193 12.16 -11.52 17.95
N VAL C 194 12.74 -12.65 17.57
CA VAL C 194 11.96 -13.80 17.09
C VAL C 194 12.13 -14.98 18.06
N GLU C 195 11.04 -15.43 18.65
CA GLU C 195 11.07 -16.51 19.63
C GLU C 195 10.20 -17.68 19.20
N PHE C 196 10.83 -18.81 18.94
CA PHE C 196 10.14 -20.04 18.57
C PHE C 196 9.75 -20.82 19.85
N ALA C 197 8.98 -20.15 20.75
CA ALA C 197 8.48 -20.73 21.99
C ALA C 197 7.58 -21.94 21.68
N ALA C 198 7.72 -23.04 22.43
CA ALA C 198 6.93 -24.26 22.27
C ALA C 198 5.42 -24.01 22.19
N SER C 199 4.95 -22.99 22.94
CA SER C 199 3.55 -22.54 23.01
C SER C 199 3.08 -21.83 21.72
N GLY C 200 4.02 -21.34 20.91
CA GLY C 200 3.78 -20.65 19.65
C GLY C 200 4.78 -19.57 19.33
N LEU C 201 5.01 -19.34 18.03
CA LEU C 201 5.93 -18.30 17.54
C LEU C 201 5.50 -16.92 18.02
N LEU C 202 6.46 -16.15 18.54
CA LEU C 202 6.32 -14.81 19.08
C LEU C 202 7.35 -13.92 18.41
N ILE C 203 6.90 -12.87 17.70
CA ILE C 203 7.78 -11.90 17.07
C ILE C 203 7.52 -10.55 17.70
N ASP C 204 8.59 -9.87 18.10
CA ASP C 204 8.48 -8.56 18.73
C ASP C 204 9.30 -7.54 17.97
N VAL C 205 8.70 -6.38 17.70
CA VAL C 205 9.38 -5.31 16.99
C VAL C 205 9.29 -4.06 17.84
N LEU C 206 10.44 -3.44 18.12
CA LEU C 206 10.53 -2.21 18.91
C LEU C 206 11.29 -1.16 18.09
N ALA C 207 10.59 -0.09 17.73
CA ALA C 207 11.18 0.92 16.89
C ALA C 207 11.09 2.35 17.43
N PRO C 208 12.15 3.18 17.20
CA PRO C 208 12.01 4.59 17.56
C PRO C 208 11.06 5.25 16.56
N ILE C 209 10.34 6.28 17.01
CA ILE C 209 9.44 7.00 16.12
C ILE C 209 10.15 8.17 15.43
N THR C 210 10.26 8.09 14.10
CA THR C 210 10.83 9.14 13.25
C THR C 210 9.82 9.51 12.15
N PRO C 211 9.75 10.80 11.70
CA PRO C 211 8.75 11.16 10.65
C PRO C 211 8.91 10.45 9.31
N GLU C 212 10.14 9.97 8.98
CA GLU C 212 10.45 9.27 7.75
C GLU C 212 9.62 7.97 7.70
N VAL C 213 9.64 7.21 8.81
CA VAL C 213 8.95 5.95 9.00
C VAL C 213 7.47 6.12 9.38
N PHE C 214 7.12 7.11 10.24
CA PHE C 214 5.77 7.37 10.75
C PHE C 214 5.39 8.81 10.39
N PRO C 215 4.83 9.04 9.17
CA PRO C 215 4.53 10.40 8.74
C PRO C 215 3.54 11.14 9.63
N GLY C 216 3.89 12.38 9.93
CA GLY C 216 3.11 13.25 10.81
C GLY C 216 3.33 12.87 12.26
N MET C 217 4.62 12.62 12.60
CA MET C 217 5.20 12.23 13.89
C MET C 217 6.72 12.37 13.76
N TYR D 47 -3.08 -4.74 -10.04
CA TYR D 47 -4.37 -4.44 -9.41
C TYR D 47 -4.80 -5.48 -8.35
N ASP D 48 -3.99 -6.54 -8.15
CA ASP D 48 -4.25 -7.58 -7.15
C ASP D 48 -3.12 -7.63 -6.11
N PRO D 49 -3.35 -7.08 -4.89
CA PRO D 49 -2.31 -7.11 -3.83
C PRO D 49 -1.96 -8.52 -3.36
N GLU D 50 -2.94 -9.45 -3.45
CA GLU D 50 -2.80 -10.86 -3.09
C GLU D 50 -1.83 -11.58 -4.04
N GLN D 51 -1.88 -11.24 -5.35
CA GLN D 51 -0.96 -11.83 -6.34
C GLN D 51 0.44 -11.23 -6.25
N ALA D 52 0.55 -9.93 -5.87
CA ALA D 52 1.82 -9.24 -5.68
C ALA D 52 2.60 -9.87 -4.50
N ASN D 53 1.90 -10.15 -3.37
CA ASN D 53 2.47 -10.80 -2.21
C ASN D 53 2.91 -12.21 -2.57
N ARG D 54 2.05 -12.98 -3.26
CA ARG D 54 2.28 -14.36 -3.74
C ARG D 54 3.52 -14.45 -4.63
N LEU D 55 3.69 -13.50 -5.56
CA LEU D 55 4.85 -13.43 -6.45
C LEU D 55 6.13 -13.19 -5.67
N PHE D 56 6.05 -12.26 -4.70
CA PHE D 56 7.16 -11.93 -3.85
C PHE D 56 7.60 -13.16 -3.02
N SER D 57 6.65 -13.91 -2.38
CA SER D 57 6.98 -15.13 -1.60
C SER D 57 7.65 -16.20 -2.46
N GLU D 58 7.10 -16.44 -3.66
CA GLU D 58 7.58 -17.43 -4.61
C GLU D 58 8.98 -17.10 -5.09
N ARG D 59 9.25 -15.81 -5.31
CA ARG D 59 10.56 -15.35 -5.73
C ARG D 59 11.54 -15.38 -4.55
N LEU D 60 11.06 -15.09 -3.32
CA LEU D 60 11.85 -15.16 -2.09
C LEU D 60 12.27 -16.63 -1.85
N ARG D 61 11.35 -17.60 -2.05
CA ARG D 61 11.61 -19.04 -1.91
C ARG D 61 12.69 -19.48 -2.88
N ALA D 62 12.59 -19.05 -4.16
CA ALA D 62 13.55 -19.33 -5.24
C ALA D 62 14.93 -18.77 -4.90
N LEU D 63 14.98 -17.62 -4.22
CA LEU D 63 16.21 -16.97 -3.80
C LEU D 63 16.83 -17.73 -2.63
N SER D 64 16.00 -18.14 -1.65
CA SER D 64 16.45 -18.93 -0.50
C SER D 64 17.06 -20.25 -0.95
N GLN D 65 16.45 -20.91 -1.94
CA GLN D 65 16.94 -22.19 -2.45
C GLN D 65 18.27 -22.03 -3.17
N ALA D 66 18.49 -20.87 -3.82
CA ALA D 66 19.75 -20.54 -4.49
C ALA D 66 20.85 -20.21 -3.45
N HIS D 67 20.47 -19.59 -2.32
CA HIS D 67 21.36 -19.22 -1.20
C HIS D 67 21.87 -20.52 -0.53
N ASP D 68 20.96 -21.49 -0.38
CA ASP D 68 21.19 -22.82 0.18
C ASP D 68 22.36 -23.53 -0.52
N MET D 69 22.31 -23.61 -1.86
CA MET D 69 23.32 -24.23 -2.71
C MET D 69 24.67 -23.56 -2.54
N LEU D 70 24.69 -22.24 -2.31
CA LEU D 70 25.94 -21.50 -2.11
C LEU D 70 26.49 -21.76 -0.72
N LEU D 71 25.61 -21.75 0.29
CA LEU D 71 25.91 -22.01 1.68
C LEU D 71 26.50 -23.41 1.91
N LYS D 72 25.86 -24.43 1.33
CA LYS D 72 26.27 -25.83 1.38
C LYS D 72 27.70 -26.05 0.81
N GLU D 73 28.04 -25.33 -0.28
CA GLU D 73 29.36 -25.45 -0.93
C GLU D 73 30.47 -24.78 -0.17
N ASN D 74 30.09 -23.79 0.61
CA ASN D 74 31.01 -23.00 1.39
C ASN D 74 30.80 -23.24 2.87
N TRP D 75 30.38 -24.47 3.25
CA TRP D 75 30.17 -24.92 4.65
C TRP D 75 31.37 -24.59 5.55
N ALA D 76 32.60 -24.86 5.09
CA ALA D 76 33.80 -24.46 5.85
C ALA D 76 33.86 -22.97 5.51
N GLY D 77 34.67 -22.17 6.14
CA GLY D 77 34.57 -20.78 5.69
C GLY D 77 35.32 -20.50 4.41
N ALA D 78 35.99 -19.38 4.34
CA ALA D 78 36.86 -19.03 3.24
C ALA D 78 37.66 -17.86 3.67
N THR D 79 38.63 -17.56 2.89
CA THR D 79 39.54 -16.46 3.14
C THR D 79 38.97 -15.27 2.34
N ILE D 80 39.06 -14.04 2.88
CA ILE D 80 38.58 -12.84 2.15
C ILE D 80 39.23 -12.84 0.75
N GLN D 81 40.56 -13.12 0.68
CA GLN D 81 41.34 -13.23 -0.56
C GLN D 81 40.69 -14.22 -1.49
N GLN D 82 40.33 -15.41 -0.97
CA GLN D 82 39.71 -16.44 -1.77
C GLN D 82 38.27 -16.14 -2.15
N ILE D 83 37.53 -15.37 -1.35
CA ILE D 83 36.14 -15.00 -1.69
C ILE D 83 36.16 -13.96 -2.83
N CYS D 84 36.94 -12.90 -2.64
CA CYS D 84 37.10 -11.78 -3.56
C CYS D 84 37.49 -12.32 -4.95
N ALA D 85 38.68 -12.95 -5.06
CA ALA D 85 39.23 -13.56 -6.27
C ALA D 85 38.25 -14.51 -6.98
N THR D 86 37.56 -15.40 -6.24
CA THR D 86 36.58 -16.34 -6.81
C THR D 86 35.37 -15.63 -7.43
N ALA D 87 34.71 -14.72 -6.67
CA ALA D 87 33.51 -13.99 -7.12
C ALA D 87 33.80 -13.07 -8.29
N LEU D 88 35.00 -12.47 -8.30
CA LEU D 88 35.41 -11.49 -9.29
C LEU D 88 36.20 -12.06 -10.48
N ALA D 89 36.45 -13.39 -10.48
CA ALA D 89 37.19 -14.10 -11.54
C ALA D 89 36.59 -13.85 -12.94
N PRO D 90 35.24 -14.00 -13.18
CA PRO D 90 34.70 -13.68 -14.52
C PRO D 90 35.02 -12.26 -15.01
N PHE D 91 35.09 -11.30 -14.06
CA PHE D 91 35.38 -9.89 -14.33
C PHE D 91 36.86 -9.61 -14.58
N ASN D 92 37.78 -10.39 -13.93
CA ASN D 92 39.24 -10.25 -14.10
C ASN D 92 39.69 -10.71 -15.49
N SER D 93 38.91 -11.63 -16.12
CA SER D 93 39.15 -12.14 -17.47
C SER D 93 38.91 -11.00 -18.48
N THR D 94 37.70 -10.41 -18.44
CA THR D 94 37.22 -9.32 -19.30
C THR D 94 37.98 -8.00 -19.06
N PHE D 95 38.25 -7.69 -17.78
CA PHE D 95 38.91 -6.45 -17.35
C PHE D 95 40.18 -6.76 -16.57
N ALA D 96 41.24 -7.13 -17.31
CA ALA D 96 42.56 -7.47 -16.77
C ALA D 96 43.25 -6.23 -16.23
N ASN D 97 43.78 -6.34 -14.99
CA ASN D 97 44.49 -5.29 -14.25
C ASN D 97 43.64 -4.04 -13.96
N ARG D 98 42.31 -4.22 -13.80
CA ARG D 98 41.36 -3.15 -13.51
C ARG D 98 40.66 -3.32 -12.15
N ILE D 99 40.86 -4.50 -11.53
CA ILE D 99 40.31 -4.85 -10.20
C ILE D 99 41.52 -5.15 -9.30
N HIS D 100 41.63 -4.41 -8.20
CA HIS D 100 42.74 -4.58 -7.26
C HIS D 100 42.23 -4.93 -5.87
N MET D 101 42.84 -5.96 -5.26
CA MET D 101 42.49 -6.51 -3.94
C MET D 101 43.69 -6.46 -3.01
N SER D 102 43.47 -6.00 -1.78
CA SER D 102 44.52 -5.87 -0.79
C SER D 102 43.91 -5.94 0.60
N GLY D 103 44.59 -6.63 1.49
CA GLY D 103 44.15 -6.77 2.87
C GLY D 103 44.74 -7.96 3.58
N PRO D 104 44.63 -7.99 4.93
CA PRO D 104 45.19 -9.11 5.69
C PRO D 104 44.54 -10.48 5.45
N HIS D 105 45.29 -11.54 5.79
CA HIS D 105 44.82 -12.92 5.75
C HIS D 105 43.76 -13.01 6.85
N LEU D 106 42.54 -13.40 6.46
CA LEU D 106 41.41 -13.41 7.38
C LEU D 106 40.38 -14.46 7.01
N LEU D 107 40.09 -15.38 7.95
CA LEU D 107 39.08 -16.42 7.78
C LEU D 107 37.71 -15.93 8.27
N VAL D 108 36.71 -16.23 7.45
CA VAL D 108 35.35 -15.81 7.63
C VAL D 108 34.42 -17.04 7.52
N SER D 109 33.29 -17.06 8.22
CA SER D 109 32.35 -18.19 8.25
C SER D 109 31.62 -18.43 6.91
N ASP D 110 30.78 -19.50 6.86
CA ASP D 110 30.00 -19.88 5.67
C ASP D 110 29.05 -18.80 5.19
N ARG D 111 28.14 -18.33 6.09
CA ARG D 111 27.12 -17.30 5.84
C ARG D 111 27.75 -16.01 5.38
N VAL D 112 28.90 -15.63 5.96
CA VAL D 112 29.55 -14.42 5.53
C VAL D 112 30.33 -14.58 4.22
N THR D 113 30.84 -15.78 3.90
CA THR D 113 31.52 -15.94 2.61
C THR D 113 30.50 -15.81 1.48
N VAL D 114 29.29 -16.38 1.65
CA VAL D 114 28.27 -16.26 0.62
C VAL D 114 27.70 -14.83 0.51
N ALA D 115 27.37 -14.19 1.65
CA ALA D 115 26.90 -12.79 1.66
C ALA D 115 27.87 -11.85 0.92
N LEU D 116 29.15 -12.02 1.23
CA LEU D 116 30.24 -11.29 0.64
C LEU D 116 30.48 -11.66 -0.82
N SER D 117 30.26 -12.92 -1.19
CA SER D 117 30.46 -13.35 -2.58
C SER D 117 29.49 -12.67 -3.47
N LEU D 118 28.18 -12.73 -3.10
CA LEU D 118 27.06 -12.12 -3.80
C LEU D 118 27.16 -10.63 -3.83
N ALA D 119 27.64 -10.01 -2.72
CA ALA D 119 27.86 -8.56 -2.66
C ALA D 119 28.89 -8.14 -3.69
N PHE D 120 30.08 -8.79 -3.67
CA PHE D 120 31.16 -8.57 -4.62
C PHE D 120 30.71 -8.77 -6.07
N TYR D 121 29.96 -9.85 -6.34
CA TYR D 121 29.46 -10.15 -7.67
C TYR D 121 28.47 -9.08 -8.16
N GLU D 122 27.55 -8.69 -7.28
CA GLU D 122 26.52 -7.70 -7.55
C GLU D 122 27.16 -6.30 -7.78
N LEU D 123 28.20 -5.97 -7.01
CA LEU D 123 28.89 -4.67 -7.13
C LEU D 123 29.66 -4.58 -8.43
N ALA D 124 30.29 -5.68 -8.87
CA ALA D 124 31.02 -5.75 -10.14
C ALA D 124 30.04 -5.68 -11.30
N THR D 125 28.87 -6.35 -11.18
CA THR D 125 27.79 -6.31 -12.18
C THR D 125 27.38 -4.83 -12.40
N ASN D 126 27.12 -4.10 -11.29
CA ASN D 126 26.77 -2.68 -11.27
C ASN D 126 27.91 -1.79 -11.78
N ALA D 127 29.18 -2.18 -11.56
CA ALA D 127 30.36 -1.43 -12.01
C ALA D 127 30.48 -1.47 -13.53
N VAL D 128 30.14 -2.62 -14.14
CA VAL D 128 30.14 -2.81 -15.59
C VAL D 128 28.96 -1.99 -16.18
N LYS D 129 27.83 -1.98 -15.47
CA LYS D 129 26.61 -1.31 -15.85
C LYS D 129 26.61 0.22 -15.71
N TYR D 130 27.28 0.79 -14.66
CA TYR D 130 27.25 2.23 -14.40
C TYR D 130 28.56 2.90 -13.99
N GLY D 131 29.45 2.15 -13.35
CA GLY D 131 30.67 2.70 -12.80
C GLY D 131 31.98 2.45 -13.51
N ALA D 132 33.05 2.25 -12.71
CA ALA D 132 34.43 2.04 -13.13
C ALA D 132 34.67 1.03 -14.26
N LEU D 133 33.81 0.01 -14.41
CA LEU D 133 33.98 -0.97 -15.48
C LEU D 133 33.03 -0.74 -16.70
N SER D 134 32.37 0.44 -16.76
CA SER D 134 31.52 0.82 -17.89
C SER D 134 32.34 1.54 -19.00
N ASN D 135 33.48 2.15 -18.64
CA ASN D 135 34.41 2.82 -19.55
C ASN D 135 35.68 1.98 -19.71
N GLU D 136 36.78 2.56 -20.22
CA GLU D 136 38.03 1.84 -20.44
C GLU D 136 39.15 2.15 -19.44
N LYS D 137 39.08 3.33 -18.78
CA LYS D 137 40.11 3.77 -17.82
C LYS D 137 39.75 3.58 -16.33
N GLY D 138 38.48 3.31 -16.04
CA GLY D 138 37.98 3.11 -14.68
C GLY D 138 38.56 1.90 -13.97
N VAL D 139 38.80 2.03 -12.66
CA VAL D 139 39.40 1.00 -11.83
C VAL D 139 38.63 0.79 -10.51
N ILE D 140 38.68 -0.45 -9.95
CA ILE D 140 38.08 -0.84 -8.67
C ILE D 140 39.20 -1.23 -7.70
N ASN D 141 39.17 -0.66 -6.50
CA ASN D 141 40.10 -0.98 -5.42
C ASN D 141 39.33 -1.52 -4.22
N ILE D 142 39.46 -2.84 -3.98
CA ILE D 142 38.86 -3.56 -2.86
C ILE D 142 39.95 -3.63 -1.80
N THR D 143 39.63 -3.18 -0.59
CA THR D 143 40.55 -3.13 0.54
C THR D 143 39.82 -3.53 1.80
N TRP D 144 40.39 -4.47 2.54
CA TRP D 144 39.80 -4.88 3.80
C TRP D 144 40.91 -4.79 4.83
N ALA D 145 40.56 -4.68 6.13
CA ALA D 145 41.52 -4.53 7.25
C ALA D 145 40.89 -4.85 8.59
N ILE D 146 41.74 -5.03 9.61
CA ILE D 146 41.30 -5.18 10.99
C ILE D 146 41.62 -3.83 11.62
N MET D 147 40.55 -3.13 12.02
CA MET D 147 40.55 -1.77 12.54
C MET D 147 40.13 -1.72 14.02
N GLU D 148 40.50 -0.62 14.71
CA GLU D 148 40.10 -0.28 16.07
C GLU D 148 39.27 0.99 15.92
N ASP D 149 37.94 0.89 16.19
CA ASP D 149 36.97 1.97 16.01
C ASP D 149 36.92 2.94 17.16
N LYS D 150 36.84 2.42 18.39
CA LYS D 150 36.78 3.21 19.63
C LYS D 150 37.29 2.28 20.74
N GLY D 151 38.49 1.73 20.51
CA GLY D 151 39.12 0.76 21.41
C GLY D 151 38.60 -0.66 21.25
N GLU D 152 37.70 -0.88 20.26
CA GLU D 152 37.12 -2.20 19.95
C GLU D 152 37.55 -2.64 18.55
N LYS D 153 38.07 -3.89 18.43
CA LYS D 153 38.53 -4.49 17.18
C LYS D 153 37.35 -4.69 16.22
N LYS D 154 37.49 -4.10 15.02
CA LYS D 154 36.46 -4.09 13.98
C LYS D 154 37.03 -4.54 12.61
N PHE D 155 36.17 -5.14 11.78
CA PHE D 155 36.53 -5.50 10.42
C PHE D 155 36.04 -4.39 9.50
N HIS D 156 36.94 -3.85 8.70
CA HIS D 156 36.58 -2.79 7.78
C HIS D 156 36.85 -3.23 6.37
N MET D 157 35.92 -2.97 5.51
CA MET D 157 36.10 -3.25 4.11
C MET D 157 35.61 -2.12 3.24
N ARG D 158 36.37 -1.79 2.19
CA ARG D 158 36.07 -0.70 1.28
C ARG D 158 36.17 -1.07 -0.20
N TRP D 159 35.06 -0.86 -0.90
CA TRP D 159 34.95 -1.03 -2.34
C TRP D 159 35.01 0.39 -2.90
N ALA D 160 36.08 0.72 -3.64
CA ALA D 160 36.24 2.06 -4.18
C ALA D 160 36.41 2.08 -5.70
N GLU D 161 35.58 2.86 -6.37
CA GLU D 161 35.64 3.03 -7.82
C GLU D 161 36.26 4.39 -8.11
N SER D 162 37.18 4.42 -9.08
CA SER D 162 37.87 5.63 -9.51
C SER D 162 38.11 5.60 -11.01
N ARG D 163 38.34 6.80 -11.60
CA ARG D 163 38.59 7.06 -13.02
C ARG D 163 37.46 6.59 -13.96
N GLY D 164 36.27 6.36 -13.39
CA GLY D 164 35.07 5.96 -14.12
C GLY D 164 34.24 7.15 -14.54
N PRO D 165 33.06 6.96 -15.20
CA PRO D 165 32.24 8.14 -15.56
C PRO D 165 31.70 8.86 -14.32
N GLU D 166 31.18 10.09 -14.50
CA GLU D 166 30.62 10.88 -13.40
C GLU D 166 29.43 10.16 -12.78
N VAL D 167 29.43 10.06 -11.44
CA VAL D 167 28.38 9.38 -10.67
C VAL D 167 27.26 10.37 -10.34
N MET D 168 26.11 10.17 -11.02
CA MET D 168 24.88 10.94 -10.90
C MET D 168 23.96 10.30 -9.85
N GLN D 169 23.62 11.06 -8.79
CA GLN D 169 22.77 10.61 -7.67
C GLN D 169 21.28 10.40 -8.07
N PRO D 170 20.79 9.13 -8.09
CA PRO D 170 19.39 8.90 -8.51
C PRO D 170 18.41 8.86 -7.33
N GLY D 174 17.07 1.33 -5.55
CA GLY D 174 16.88 -0.04 -5.99
C GLY D 174 16.83 -1.03 -4.86
N PHE D 175 15.88 -2.00 -4.93
CA PHE D 175 15.69 -3.01 -3.89
C PHE D 175 16.90 -3.93 -3.79
N GLY D 176 17.38 -4.46 -4.93
CA GLY D 176 18.54 -5.35 -5.04
C GLY D 176 19.73 -4.92 -4.22
N GLN D 177 20.01 -3.59 -4.20
CA GLN D 177 21.09 -2.94 -3.47
C GLN D 177 20.72 -2.77 -2.00
N ARG D 178 19.45 -2.39 -1.72
CA ARG D 178 18.97 -2.24 -0.34
C ARG D 178 18.89 -3.62 0.33
N LEU D 179 18.68 -4.66 -0.49
CA LEU D 179 18.63 -6.07 -0.10
C LEU D 179 20.04 -6.54 0.30
N LEU D 180 21.08 -6.14 -0.49
CA LEU D 180 22.49 -6.42 -0.24
C LEU D 180 22.92 -5.82 1.09
N HIS D 181 22.53 -4.56 1.36
CA HIS D 181 22.79 -3.87 2.61
C HIS D 181 22.16 -4.69 3.73
N SER D 182 20.88 -5.08 3.60
CA SER D 182 20.13 -5.89 4.56
C SER D 182 20.78 -7.28 4.76
N VAL D 183 21.38 -7.86 3.69
CA VAL D 183 22.10 -9.15 3.70
C VAL D 183 23.36 -9.03 4.57
N LEU D 184 24.18 -7.99 4.31
CA LEU D 184 25.41 -7.68 5.02
C LEU D 184 25.10 -7.10 6.39
N ALA D 185 23.83 -6.68 6.61
CA ALA D 185 23.40 -6.18 7.91
C ALA D 185 23.28 -7.41 8.78
N GLU D 186 22.38 -8.31 8.41
CA GLU D 186 22.13 -9.55 9.14
C GLU D 186 23.26 -10.56 9.18
N GLU D 187 24.22 -10.56 8.21
CA GLU D 187 25.25 -11.58 8.30
C GLU D 187 26.52 -11.13 8.98
N LEU D 188 27.03 -9.95 8.62
CA LEU D 188 28.23 -9.42 9.25
C LEU D 188 27.90 -8.63 10.53
N LYS D 189 26.60 -8.28 10.74
CA LYS D 189 26.07 -7.41 11.82
C LYS D 189 26.79 -6.07 11.68
N ALA D 190 26.88 -5.60 10.41
CA ALA D 190 27.65 -4.43 10.00
C ALA D 190 26.87 -3.20 9.63
N LYS D 191 27.54 -2.05 9.80
CA LYS D 191 27.04 -0.74 9.41
C LYS D 191 27.65 -0.56 8.03
N CYS D 192 26.79 -0.42 7.04
CA CYS D 192 27.22 -0.28 5.68
C CYS D 192 26.90 1.13 5.16
N ASP D 193 27.95 1.84 4.71
CA ASP D 193 27.87 3.19 4.18
C ASP D 193 28.11 3.19 2.69
N VAL D 194 27.13 3.68 1.93
CA VAL D 194 27.21 3.76 0.47
C VAL D 194 27.21 5.22 0.05
N GLU D 195 28.31 5.69 -0.57
CA GLU D 195 28.47 7.08 -1.01
C GLU D 195 28.73 7.20 -2.50
N PHE D 196 27.69 7.65 -3.25
CA PHE D 196 27.68 7.86 -4.70
C PHE D 196 28.42 9.16 -5.07
N ALA D 197 29.70 9.26 -4.66
CA ALA D 197 30.58 10.39 -4.95
C ALA D 197 30.76 10.49 -6.46
N ALA D 198 30.69 11.72 -7.01
CA ALA D 198 30.83 11.98 -8.46
C ALA D 198 32.07 11.31 -9.08
N SER D 199 33.17 11.23 -8.29
CA SER D 199 34.45 10.60 -8.65
C SER D 199 34.38 9.06 -8.77
N GLY D 200 33.39 8.47 -8.10
CA GLY D 200 33.16 7.03 -8.09
C GLY D 200 32.53 6.51 -6.82
N LEU D 201 31.83 5.37 -6.95
CA LEU D 201 31.14 4.65 -5.87
C LEU D 201 32.09 4.21 -4.77
N LEU D 202 31.80 4.61 -3.53
CA LEU D 202 32.55 4.27 -2.35
C LEU D 202 31.63 3.55 -1.37
N ILE D 203 31.95 2.28 -1.06
CA ILE D 203 31.16 1.50 -0.11
C ILE D 203 32.07 1.17 1.05
N ASP D 204 31.56 1.37 2.27
CA ASP D 204 32.30 1.09 3.48
C ASP D 204 31.50 0.15 4.36
N VAL D 205 32.15 -0.93 4.81
CA VAL D 205 31.51 -1.91 5.69
C VAL D 205 32.34 -1.97 6.96
N LEU D 206 31.67 -1.77 8.12
CA LEU D 206 32.31 -1.78 9.43
C LEU D 206 31.56 -2.77 10.30
N ALA D 207 32.20 -3.89 10.61
CA ALA D 207 31.56 -4.92 11.42
C ALA D 207 32.35 -5.25 12.68
N PRO D 208 31.65 -5.51 13.82
CA PRO D 208 32.35 -5.97 15.04
C PRO D 208 32.91 -7.38 14.83
N ILE D 209 34.01 -7.70 15.51
CA ILE D 209 34.59 -9.03 15.37
C ILE D 209 34.03 -10.02 16.41
N THR D 210 33.28 -11.03 15.93
CA THR D 210 32.71 -12.10 16.74
C THR D 210 33.14 -13.46 16.15
N PRO D 211 33.36 -14.52 17.00
CA PRO D 211 33.82 -15.82 16.45
C PRO D 211 32.85 -16.51 15.50
N GLU D 212 31.55 -16.18 15.58
CA GLU D 212 30.49 -16.72 14.71
C GLU D 212 30.80 -16.33 13.27
N VAL D 213 31.09 -15.04 13.05
CA VAL D 213 31.41 -14.43 11.78
C VAL D 213 32.89 -14.62 11.37
N PHE D 214 33.81 -14.52 12.35
CA PHE D 214 35.26 -14.68 12.14
C PHE D 214 35.77 -15.87 12.96
N PRO D 215 35.78 -17.09 12.40
CA PRO D 215 36.21 -18.26 13.21
C PRO D 215 37.68 -18.25 13.62
#